data_8TPV
#
_entry.id   8TPV
#
_cell.length_a   55.636
_cell.length_b   129.595
_cell.length_c   64.325
_cell.angle_alpha   90.000
_cell.angle_beta   103.800
_cell.angle_gamma   90.000
#
_symmetry.space_group_name_H-M   'P 1 21 1'
#
loop_
_entity.id
_entity.type
_entity.pdbx_description
1 polymer 'Hypoxanthine-guanine phosphoribosyltransferase'
2 non-polymer '(3-{(2S,4R)-4-(2-amino-6-oxo-1,6-dihydro-9H-purin-9-yl)-2-[(2-phosphonoethoxy)methyl]pyrrolidin-1-yl}-3-oxopropyl)phosphonic acid'
3 non-polymer 'MAGNESIUM ION'
4 water water
#
_entity_poly.entity_id   1
_entity_poly.type   'polypeptide(L)'
_entity_poly.pdbx_seq_one_letter_code
;MATRSPGVVISDDEPGYDLDLFAIPNHYAEDLERVFIPHGLIMDRTERLARDVMKEMGGHHIVALCVLKGGYKFFADLLD
YIKALNRNSDRSIPMTVDFIRLKSYANDQSTGDIKVIGGDDLSTLTGKNVLIVEDIIDTGKTMQTLLSLVRQYNPKMVKV
ASLLVKRTPRSVGYKPDFVGFEIPDKFVVGYALDYNEYFRDLNHVAVISETGKAKYKA
;
_entity_poly.pdbx_strand_id   A,B,C,D
#
# COMPACT_ATOMS: atom_id res chain seq x y z
N ARG A 4 -30.17 -7.85 -4.05
CA ARG A 4 -29.00 -7.12 -4.53
C ARG A 4 -27.82 -8.06 -4.69
N SER A 5 -26.60 -7.52 -4.63
CA SER A 5 -25.41 -8.34 -4.90
C SER A 5 -25.09 -9.24 -3.71
N PRO A 6 -24.90 -10.53 -3.93
CA PRO A 6 -24.57 -11.45 -2.83
C PRO A 6 -23.07 -11.56 -2.55
N GLY A 7 -22.23 -10.81 -3.26
CA GLY A 7 -20.80 -10.87 -3.04
C GLY A 7 -20.09 -11.83 -3.97
N VAL A 8 -18.80 -12.01 -3.70
CA VAL A 8 -17.99 -13.03 -4.37
C VAL A 8 -18.39 -14.38 -3.80
N VAL A 9 -18.89 -15.27 -4.65
CA VAL A 9 -19.30 -16.59 -4.21
C VAL A 9 -18.08 -17.51 -4.22
N ILE A 10 -17.74 -18.07 -3.07
CA ILE A 10 -16.74 -19.12 -2.98
CA ILE A 10 -16.75 -19.13 -3.00
C ILE A 10 -17.49 -20.45 -2.86
N SER A 11 -17.31 -21.32 -3.85
CA SER A 11 -18.09 -22.56 -3.91
CA SER A 11 -18.10 -22.55 -3.91
C SER A 11 -17.67 -23.53 -2.82
N ASP A 12 -18.61 -24.40 -2.45
CA ASP A 12 -18.35 -25.41 -1.43
C ASP A 12 -17.12 -26.25 -1.75
N ASP A 13 -16.84 -26.47 -3.03
CA ASP A 13 -15.73 -27.32 -3.43
C ASP A 13 -14.45 -26.54 -3.76
N GLU A 14 -14.31 -25.32 -3.25
CA GLU A 14 -13.10 -24.57 -3.54
C GLU A 14 -11.91 -25.27 -2.91
N PRO A 15 -10.84 -25.54 -3.67
CA PRO A 15 -9.69 -26.22 -3.07
C PRO A 15 -8.90 -25.33 -2.13
N GLY A 16 -8.93 -24.02 -2.35
CA GLY A 16 -7.96 -23.12 -1.75
C GLY A 16 -6.62 -23.24 -2.45
N TYR A 17 -5.63 -22.54 -1.89
CA TYR A 17 -4.28 -22.46 -2.42
C TYR A 17 -3.25 -23.13 -1.50
N ASP A 18 -2.26 -23.77 -2.12
CA ASP A 18 -1.12 -24.33 -1.39
C ASP A 18 -0.42 -23.24 -0.57
N LEU A 19 -0.17 -23.53 0.71
CA LEU A 19 0.43 -22.52 1.56
C LEU A 19 1.75 -22.03 0.98
N ASP A 20 2.53 -22.95 0.41
CA ASP A 20 3.85 -22.61 -0.11
C ASP A 20 3.79 -21.66 -1.29
N LEU A 21 2.61 -21.34 -1.82
CA LEU A 21 2.56 -20.35 -2.89
C LEU A 21 2.48 -18.92 -2.37
N PHE A 22 2.24 -18.72 -1.07
CA PHE A 22 2.10 -17.38 -0.50
C PHE A 22 3.04 -17.21 0.68
N ALA A 23 3.21 -15.96 1.08
CA ALA A 23 3.97 -15.66 2.29
C ALA A 23 3.08 -15.86 3.51
N ILE A 24 3.51 -16.71 4.42
CA ILE A 24 2.66 -17.17 5.52
C ILE A 24 3.46 -17.04 6.79
N PRO A 25 2.89 -16.48 7.88
CA PRO A 25 3.65 -16.37 9.13
C PRO A 25 4.31 -17.69 9.51
N ASN A 26 5.60 -17.61 9.80
CA ASN A 26 6.36 -18.81 10.15
C ASN A 26 5.75 -19.58 11.31
N HIS A 27 5.21 -18.87 12.34
CA HIS A 27 4.73 -19.61 13.51
C HIS A 27 3.47 -20.43 13.23
N TYR A 28 2.74 -20.13 12.16
CA TYR A 28 1.53 -20.87 11.81
C TYR A 28 1.74 -21.84 10.64
N ALA A 29 2.99 -22.04 10.17
CA ALA A 29 3.20 -22.83 8.96
C ALA A 29 2.61 -24.23 9.08
N GLU A 30 2.91 -24.93 10.17
CA GLU A 30 2.39 -26.27 10.39
C GLU A 30 0.93 -26.29 10.85
N ASP A 31 0.30 -25.13 11.04
CA ASP A 31 -1.00 -25.07 11.70
C ASP A 31 -2.16 -24.75 10.76
N LEU A 32 -1.90 -24.31 9.54
CA LEU A 32 -2.95 -24.02 8.58
C LEU A 32 -2.99 -25.09 7.48
N GLU A 33 -4.20 -25.33 6.97
CA GLU A 33 -4.38 -26.30 5.87
C GLU A 33 -4.14 -25.63 4.51
N ARG A 34 -5.01 -24.71 4.13
CA ARG A 34 -4.94 -24.03 2.84
C ARG A 34 -5.15 -22.55 3.05
N VAL A 35 -4.73 -21.75 2.07
CA VAL A 35 -5.16 -20.37 2.00
C VAL A 35 -6.51 -20.33 1.29
N PHE A 36 -7.52 -19.79 1.96
CA PHE A 36 -8.89 -19.77 1.43
C PHE A 36 -9.19 -18.50 0.62
N ILE A 37 -8.83 -17.33 1.13
CA ILE A 37 -9.07 -16.07 0.43
C ILE A 37 -7.81 -15.23 0.62
N PRO A 38 -7.04 -14.99 -0.43
CA PRO A 38 -5.80 -14.25 -0.28
C PRO A 38 -6.08 -12.80 0.11
N HIS A 39 -5.17 -12.25 0.92
CA HIS A 39 -5.34 -10.91 1.48
C HIS A 39 -5.56 -9.88 0.40
N GLY A 40 -4.80 -9.96 -0.69
CA GLY A 40 -4.95 -8.99 -1.76
C GLY A 40 -6.32 -9.03 -2.41
N LEU A 41 -6.99 -10.19 -2.36
CA LEU A 41 -8.34 -10.28 -2.92
C LEU A 41 -9.36 -9.65 -1.98
N ILE A 42 -9.09 -9.75 -0.68
CA ILE A 42 -9.92 -9.04 0.29
C ILE A 42 -9.84 -7.55 0.05
N MET A 43 -8.63 -7.01 -0.13
CA MET A 43 -8.50 -5.57 -0.43
C MET A 43 -9.29 -5.21 -1.69
N ASP A 44 -9.07 -5.94 -2.78
CA ASP A 44 -9.78 -5.59 -4.01
C ASP A 44 -11.29 -5.56 -3.81
N ARG A 45 -11.85 -6.55 -3.12
CA ARG A 45 -13.28 -6.54 -2.86
C ARG A 45 -13.67 -5.38 -1.97
N THR A 46 -12.89 -5.14 -0.91
CA THR A 46 -13.18 -4.05 0.02
C THR A 46 -13.16 -2.71 -0.70
N GLU A 47 -12.21 -2.53 -1.62
CA GLU A 47 -12.20 -1.27 -2.35
C GLU A 47 -13.56 -1.02 -2.97
N ARG A 48 -14.13 -2.06 -3.58
CA ARG A 48 -15.37 -1.87 -4.31
C ARG A 48 -16.53 -1.67 -3.35
N LEU A 49 -16.52 -2.37 -2.22
CA LEU A 49 -17.56 -2.13 -1.20
C LEU A 49 -17.48 -0.72 -0.66
N ALA A 50 -16.28 -0.17 -0.59
CA ALA A 50 -16.13 1.20 -0.12
C ALA A 50 -16.91 2.14 -1.01
N ARG A 51 -16.82 1.94 -2.32
CA ARG A 51 -17.59 2.78 -3.24
C ARG A 51 -19.09 2.53 -3.09
N ASP A 52 -19.49 1.26 -2.96
CA ASP A 52 -20.91 0.96 -2.79
C ASP A 52 -21.46 1.59 -1.51
N VAL A 53 -20.65 1.62 -0.45
CA VAL A 53 -21.09 2.26 0.80
C VAL A 53 -21.34 3.74 0.56
N MET A 54 -20.39 4.43 -0.06
CA MET A 54 -20.56 5.88 -0.19
C MET A 54 -21.74 6.19 -1.08
N LYS A 55 -21.97 5.35 -2.09
CA LYS A 55 -23.11 5.57 -2.98
C LYS A 55 -24.40 5.65 -2.17
N GLU A 56 -24.64 4.66 -1.31
CA GLU A 56 -25.86 4.54 -0.54
C GLU A 56 -25.88 5.38 0.74
N MET A 57 -24.73 5.90 1.22
CA MET A 57 -24.76 6.62 2.49
C MET A 57 -23.96 7.90 2.58
N GLY A 58 -23.37 8.37 1.49
CA GLY A 58 -22.55 9.56 1.60
C GLY A 58 -23.28 10.88 1.70
N GLY A 59 -24.59 10.87 1.94
CA GLY A 59 -25.39 12.08 1.92
C GLY A 59 -25.65 12.68 3.28
N HIS A 60 -25.34 11.92 4.33
CA HIS A 60 -25.48 12.37 5.70
C HIS A 60 -24.40 11.73 6.56
N HIS A 61 -23.97 12.44 7.60
CA HIS A 61 -23.00 11.98 8.59
C HIS A 61 -23.09 10.48 8.86
N ILE A 62 -21.99 9.73 8.65
CA ILE A 62 -21.93 8.31 8.94
C ILE A 62 -21.27 8.10 10.31
N VAL A 63 -21.81 7.15 11.07
CA VAL A 63 -21.18 6.65 12.28
C VAL A 63 -20.77 5.22 11.97
N ALA A 64 -19.46 4.99 11.86
CA ALA A 64 -18.92 3.66 11.58
C ALA A 64 -18.78 2.90 12.89
N LEU A 65 -19.40 1.74 12.98
CA LEU A 65 -19.56 0.98 14.22
C LEU A 65 -18.86 -0.36 14.03
N CYS A 66 -17.69 -0.50 14.61
CA CYS A 66 -16.92 -1.73 14.45
C CYS A 66 -17.27 -2.75 15.53
N VAL A 67 -17.63 -3.96 15.12
CA VAL A 67 -17.89 -5.04 16.06
C VAL A 67 -16.57 -5.81 16.29
N LEU A 68 -15.96 -5.58 17.46
CA LEU A 68 -14.72 -6.23 17.83
C LEU A 68 -14.98 -7.64 18.36
N LYS A 69 -13.93 -8.45 18.39
CA LYS A 69 -12.59 -8.12 17.88
C LYS A 69 -12.47 -8.42 16.40
N GLY A 70 -13.19 -9.47 15.95
CA GLY A 70 -13.02 -9.96 14.59
C GLY A 70 -13.11 -8.89 13.51
N GLY A 71 -13.87 -7.84 13.75
CA GLY A 71 -14.08 -6.87 12.70
C GLY A 71 -13.04 -5.79 12.57
N TYR A 72 -12.02 -5.76 13.43
CA TYR A 72 -11.17 -4.58 13.49
C TYR A 72 -10.40 -4.38 12.17
N LYS A 73 -9.83 -5.46 11.62
CA LYS A 73 -9.06 -5.35 10.37
C LYS A 73 -9.93 -4.95 9.18
N PHE A 74 -11.04 -5.67 8.94
CA PHE A 74 -11.98 -5.26 7.89
C PHE A 74 -12.42 -3.82 8.07
N PHE A 75 -12.69 -3.43 9.31
CA PHE A 75 -13.17 -2.08 9.55
C PHE A 75 -12.10 -1.04 9.20
N ALA A 76 -10.85 -1.27 9.60
CA ALA A 76 -9.75 -0.34 9.32
C ALA A 76 -9.54 -0.17 7.82
N ASP A 77 -9.51 -1.28 7.07
CA ASP A 77 -9.30 -1.18 5.63
C ASP A 77 -10.52 -0.62 4.90
N LEU A 78 -11.74 -1.01 5.31
CA LEU A 78 -12.90 -0.40 4.67
C LEU A 78 -12.84 1.12 4.83
N LEU A 79 -12.52 1.58 6.04
CA LEU A 79 -12.51 3.01 6.29
C LEU A 79 -11.41 3.70 5.49
N ASP A 80 -10.23 3.06 5.36
CA ASP A 80 -9.13 3.64 4.59
C ASP A 80 -9.52 3.87 3.13
N TYR A 81 -10.19 2.90 2.52
CA TYR A 81 -10.70 3.09 1.16
C TYR A 81 -11.79 4.16 1.12
N ILE A 82 -12.67 4.22 2.13
CA ILE A 82 -13.66 5.31 2.15
C ILE A 82 -12.96 6.66 2.29
N LYS A 83 -11.92 6.73 3.11
CA LYS A 83 -11.18 7.98 3.26
C LYS A 83 -10.52 8.37 1.95
N ALA A 84 -10.01 7.38 1.21
CA ALA A 84 -9.42 7.66 -0.10
C ALA A 84 -10.48 8.27 -1.03
N LEU A 85 -11.69 7.71 -1.03
CA LEU A 85 -12.76 8.31 -1.84
C LEU A 85 -12.97 9.77 -1.44
N ASN A 86 -13.02 10.06 -0.13
CA ASN A 86 -13.39 11.39 0.33
C ASN A 86 -12.32 12.45 0.08
N ARG A 87 -11.06 12.08 -0.14
CA ARG A 87 -10.06 13.11 -0.35
C ARG A 87 -9.68 13.28 -1.81
N ASN A 88 -10.31 12.53 -2.71
CA ASN A 88 -10.00 12.58 -4.13
C ASN A 88 -11.26 12.91 -4.93
N SER A 89 -12.16 13.68 -4.33
CA SER A 89 -13.44 14.00 -4.93
CA SER A 89 -13.46 13.97 -4.91
C SER A 89 -14.06 15.16 -4.17
N ASP A 90 -14.92 15.91 -4.86
CA ASP A 90 -15.53 17.08 -4.24
C ASP A 90 -16.59 16.70 -3.21
N ARG A 91 -17.32 15.62 -3.47
CA ARG A 91 -18.37 15.19 -2.55
C ARG A 91 -17.77 14.38 -1.41
N SER A 92 -18.12 14.76 -0.19
CA SER A 92 -17.68 14.03 0.99
C SER A 92 -18.47 14.54 2.18
N ILE A 93 -18.67 13.66 3.16
CA ILE A 93 -19.29 14.04 4.42
C ILE A 93 -18.46 13.50 5.58
N PRO A 94 -18.48 14.18 6.72
CA PRO A 94 -17.71 13.69 7.88
C PRO A 94 -18.15 12.30 8.31
N MET A 95 -17.24 11.63 9.00
CA MET A 95 -17.44 10.30 9.54
C MET A 95 -16.95 10.30 10.98
N THR A 96 -17.69 9.63 11.87
CA THR A 96 -17.23 9.37 13.22
C THR A 96 -17.20 7.86 13.40
N VAL A 97 -16.46 7.40 14.40
CA VAL A 97 -16.24 5.97 14.54
C VAL A 97 -16.47 5.57 15.98
N ASP A 98 -16.88 4.32 16.16
CA ASP A 98 -17.07 3.77 17.49
C ASP A 98 -16.85 2.27 17.42
N PHE A 99 -16.67 1.68 18.59
CA PHE A 99 -16.27 0.30 18.74
C PHE A 99 -17.14 -0.34 19.80
N ILE A 100 -17.54 -1.59 19.57
CA ILE A 100 -18.37 -2.30 20.52
C ILE A 100 -17.97 -3.77 20.46
N ARG A 101 -18.15 -4.44 21.58
CA ARG A 101 -18.02 -5.89 21.63
C ARG A 101 -19.32 -6.46 22.16
N LEU A 102 -19.68 -7.66 21.70
CA LEU A 102 -20.95 -8.29 22.03
C LEU A 102 -20.72 -9.47 22.95
N LYS A 103 -21.48 -9.52 24.04
CA LYS A 103 -21.42 -10.66 24.97
C LYS A 103 -22.60 -11.60 24.78
N LYS A 115 -26.08 -8.41 24.64
CA LYS A 115 -25.68 -7.27 25.48
C LYS A 115 -24.41 -6.58 24.97
N VAL A 116 -24.44 -5.25 24.94
CA VAL A 116 -23.38 -4.45 24.34
C VAL A 116 -22.32 -4.14 25.38
N ILE A 117 -21.06 -4.31 25.00
CA ILE A 117 -19.93 -4.12 25.90
C ILE A 117 -19.10 -2.96 25.40
N GLY A 118 -18.88 -1.98 26.28
CA GLY A 118 -17.90 -0.92 26.14
C GLY A 118 -17.92 -0.06 24.89
N GLY A 119 -18.97 0.75 24.71
CA GLY A 119 -18.97 1.71 23.63
C GLY A 119 -19.27 3.13 24.09
N ASP A 120 -19.43 4.04 23.13
CA ASP A 120 -20.11 5.29 23.44
C ASP A 120 -21.56 4.98 23.81
N ASP A 121 -22.20 5.91 24.50
CA ASP A 121 -23.64 5.72 24.70
C ASP A 121 -24.32 5.74 23.34
N LEU A 122 -25.30 4.86 23.17
CA LEU A 122 -25.93 4.70 21.87
C LEU A 122 -26.74 5.92 21.43
N SER A 123 -26.93 6.90 22.30
CA SER A 123 -27.63 8.12 21.88
C SER A 123 -26.87 8.85 20.79
N THR A 124 -25.59 8.53 20.61
CA THR A 124 -24.82 9.11 19.50
C THR A 124 -25.32 8.62 18.14
N LEU A 125 -26.03 7.50 18.09
CA LEU A 125 -26.51 6.98 16.81
C LEU A 125 -27.81 7.64 16.35
N THR A 126 -28.53 8.34 17.23
CA THR A 126 -29.81 8.91 16.84
C THR A 126 -29.67 9.93 15.72
N GLY A 127 -30.53 9.81 14.72
CA GLY A 127 -30.48 10.70 13.57
C GLY A 127 -29.27 10.59 12.67
N LYS A 128 -28.54 9.47 12.70
CA LYS A 128 -27.32 9.33 11.92
C LYS A 128 -27.42 8.15 10.98
N ASN A 129 -26.57 8.16 9.96
CA ASN A 129 -26.34 6.99 9.11
C ASN A 129 -25.35 6.06 9.81
N VAL A 130 -25.85 4.93 10.29
CA VAL A 130 -25.03 3.99 11.05
C VAL A 130 -24.62 2.85 10.12
N LEU A 131 -23.31 2.68 9.95
CA LEU A 131 -22.75 1.54 9.23
C LEU A 131 -22.16 0.60 10.27
N ILE A 132 -22.78 -0.57 10.45
CA ILE A 132 -22.22 -1.59 11.32
C ILE A 132 -21.28 -2.45 10.49
N VAL A 133 -20.06 -2.65 10.97
CA VAL A 133 -19.05 -3.39 10.22
C VAL A 133 -18.71 -4.68 10.95
N GLU A 134 -18.91 -5.81 10.29
CA GLU A 134 -18.73 -7.11 10.91
C GLU A 134 -17.73 -7.95 10.10
N ASP A 135 -17.04 -8.88 10.77
CA ASP A 135 -16.20 -9.81 10.03
C ASP A 135 -17.03 -10.91 9.37
N ILE A 136 -17.90 -11.57 10.11
CA ILE A 136 -18.59 -12.73 9.59
C ILE A 136 -20.04 -12.77 10.10
N ILE A 137 -20.94 -13.22 9.23
CA ILE A 137 -22.31 -13.52 9.58
C ILE A 137 -22.51 -15.02 9.38
N ASP A 138 -22.93 -15.72 10.45
CA ASP A 138 -23.12 -17.16 10.39
C ASP A 138 -24.62 -17.45 10.41
N THR A 139 -25.24 -17.70 11.58
CA THR A 139 -26.69 -17.84 11.65
C THR A 139 -27.41 -16.52 11.43
N GLY A 140 -26.75 -15.39 11.66
CA GLY A 140 -27.40 -14.10 11.61
C GLY A 140 -28.17 -13.72 12.85
N LYS A 141 -28.22 -14.59 13.87
CA LYS A 141 -29.00 -14.25 15.06
C LYS A 141 -28.42 -13.05 15.78
N THR A 142 -27.10 -13.01 15.94
CA THR A 142 -26.46 -11.89 16.62
C THR A 142 -26.79 -10.56 15.94
N MET A 143 -26.65 -10.52 14.63
CA MET A 143 -26.90 -9.27 13.91
C MET A 143 -28.35 -8.83 14.06
N GLN A 144 -29.29 -9.78 13.98
CA GLN A 144 -30.70 -9.47 14.17
CA GLN A 144 -30.68 -9.41 14.14
C GLN A 144 -30.93 -8.80 15.52
N THR A 145 -30.30 -9.36 16.56
CA THR A 145 -30.43 -8.84 17.92
C THR A 145 -29.79 -7.47 18.07
N LEU A 146 -28.62 -7.26 17.48
CA LEU A 146 -28.00 -5.94 17.57
C LEU A 146 -28.79 -4.90 16.80
N LEU A 147 -29.40 -5.29 15.69
CA LEU A 147 -30.11 -4.33 14.86
C LEU A 147 -31.41 -3.88 15.53
N SER A 148 -32.13 -4.80 16.16
CA SER A 148 -33.34 -4.39 16.84
C SER A 148 -33.02 -3.50 18.04
N LEU A 149 -31.83 -3.65 18.62
CA LEU A 149 -31.41 -2.72 19.67
C LEU A 149 -31.05 -1.37 19.09
N VAL A 150 -30.28 -1.36 18.00
CA VAL A 150 -29.89 -0.07 17.44
C VAL A 150 -31.10 0.71 16.93
N ARG A 151 -32.12 0.01 16.43
CA ARG A 151 -33.25 0.74 15.87
C ARG A 151 -34.03 1.49 16.95
N GLN A 152 -33.98 1.01 18.19
CA GLN A 152 -34.61 1.72 19.30
C GLN A 152 -34.02 3.10 19.54
N TYR A 153 -32.87 3.40 18.99
CA TYR A 153 -32.26 4.72 19.18
C TYR A 153 -32.55 5.66 18.02
N ASN A 154 -33.33 5.21 17.04
CA ASN A 154 -33.83 6.00 15.92
C ASN A 154 -32.72 6.66 15.10
N PRO A 155 -31.85 5.86 14.50
CA PRO A 155 -30.89 6.41 13.55
C PRO A 155 -31.61 6.77 12.27
N LYS A 156 -31.07 7.75 11.56
CA LYS A 156 -31.63 8.04 10.24
C LYS A 156 -31.69 6.77 9.39
N MET A 157 -30.66 5.93 9.49
CA MET A 157 -30.60 4.70 8.70
C MET A 157 -29.49 3.82 9.29
N VAL A 158 -29.66 2.51 9.16
CA VAL A 158 -28.67 1.58 9.69
C VAL A 158 -28.44 0.53 8.63
N LYS A 159 -27.19 0.39 8.19
CA LYS A 159 -26.77 -0.63 7.26
C LYS A 159 -25.66 -1.46 7.88
N VAL A 160 -25.49 -2.68 7.38
CA VAL A 160 -24.52 -3.63 7.89
C VAL A 160 -23.59 -4.04 6.75
N ALA A 161 -22.30 -3.84 6.94
CA ALA A 161 -21.28 -4.29 6.00
C ALA A 161 -20.57 -5.45 6.66
N SER A 162 -20.56 -6.61 6.00
CA SER A 162 -19.91 -7.77 6.56
C SER A 162 -18.93 -8.34 5.55
N LEU A 163 -17.76 -8.73 6.04
CA LEU A 163 -16.74 -9.27 5.15
C LEU A 163 -17.16 -10.61 4.56
N LEU A 164 -17.63 -11.53 5.41
CA LEU A 164 -18.06 -12.86 5.00
C LEU A 164 -19.52 -13.10 5.37
N VAL A 165 -20.25 -13.84 4.52
CA VAL A 165 -21.50 -14.46 4.90
C VAL A 165 -21.40 -15.95 4.65
N LYS A 166 -21.75 -16.75 5.63
CA LYS A 166 -21.62 -18.20 5.54
C LYS A 166 -22.93 -18.83 5.05
N ARG A 167 -22.83 -19.68 4.03
CA ARG A 167 -23.98 -20.47 3.55
C ARG A 167 -24.25 -21.59 4.56
N THR A 168 -25.27 -21.44 5.39
CA THR A 168 -25.56 -22.44 6.41
C THR A 168 -27.05 -22.70 6.48
N PRO A 169 -27.45 -23.95 6.67
CA PRO A 169 -28.87 -24.22 6.93
C PRO A 169 -29.36 -23.62 8.22
N ARG A 170 -28.46 -23.36 9.18
CA ARG A 170 -28.85 -22.74 10.43
C ARG A 170 -29.15 -21.25 10.31
N SER A 171 -29.13 -20.70 9.09
CA SER A 171 -29.45 -19.30 8.90
C SER A 171 -30.91 -19.00 9.23
N VAL A 172 -31.14 -17.87 9.88
CA VAL A 172 -32.46 -17.45 10.31
C VAL A 172 -33.00 -16.44 9.32
N GLY A 173 -32.29 -16.24 8.22
CA GLY A 173 -32.78 -15.42 7.13
C GLY A 173 -32.16 -14.05 7.02
N TYR A 174 -31.36 -13.61 7.98
CA TYR A 174 -30.75 -12.28 7.85
C TYR A 174 -29.61 -12.31 6.84
N LYS A 175 -29.59 -11.32 5.95
CA LYS A 175 -28.54 -11.04 4.99
C LYS A 175 -28.20 -9.55 5.04
N PRO A 176 -26.92 -9.19 5.03
CA PRO A 176 -26.52 -7.80 5.25
C PRO A 176 -26.62 -6.97 3.98
N ASP A 177 -26.47 -5.66 4.13
CA ASP A 177 -26.58 -4.73 3.00
C ASP A 177 -25.36 -4.76 2.09
N PHE A 178 -24.15 -5.00 2.62
CA PHE A 178 -22.97 -5.16 1.80
C PHE A 178 -22.22 -6.39 2.29
N VAL A 179 -21.90 -7.27 1.35
CA VAL A 179 -21.21 -8.52 1.60
C VAL A 179 -19.91 -8.51 0.82
N GLY A 180 -18.85 -9.06 1.42
CA GLY A 180 -17.62 -9.25 0.70
C GLY A 180 -17.62 -10.56 -0.07
N PHE A 181 -17.80 -11.67 0.65
CA PHE A 181 -17.72 -13.01 0.09
C PHE A 181 -18.79 -13.87 0.75
N GLU A 182 -19.35 -14.81 0.00
CA GLU A 182 -20.22 -15.82 0.57
C GLU A 182 -19.48 -17.15 0.49
N ILE A 183 -19.44 -17.87 1.62
CA ILE A 183 -18.47 -18.93 1.78
C ILE A 183 -19.19 -20.18 2.28
N PRO A 184 -18.60 -21.35 2.06
CA PRO A 184 -19.22 -22.58 2.58
C PRO A 184 -19.36 -22.53 4.09
N ASP A 185 -20.06 -23.54 4.61
CA ASP A 185 -20.16 -23.79 6.05
C ASP A 185 -18.84 -24.41 6.54
N LYS A 186 -17.78 -23.61 6.50
CA LYS A 186 -16.45 -24.03 6.93
C LYS A 186 -15.92 -23.06 8.00
N PHE A 187 -15.10 -23.56 8.92
CA PHE A 187 -14.48 -22.67 9.90
C PHE A 187 -13.21 -22.08 9.29
N VAL A 188 -13.16 -20.75 9.20
CA VAL A 188 -12.02 -20.04 8.63
C VAL A 188 -11.38 -19.19 9.73
N VAL A 189 -10.09 -18.91 9.55
CA VAL A 189 -9.34 -18.02 10.44
C VAL A 189 -8.61 -16.98 9.61
N GLY A 190 -8.10 -15.97 10.31
CA GLY A 190 -7.23 -14.98 9.72
C GLY A 190 -7.96 -13.70 9.39
N TYR A 191 -7.20 -12.68 8.99
CA TYR A 191 -7.78 -11.36 8.74
C TYR A 191 -8.64 -10.92 9.94
N ALA A 192 -8.15 -11.21 11.13
CA ALA A 192 -8.72 -10.87 12.44
C ALA A 192 -9.73 -11.91 12.93
N LEU A 193 -10.11 -12.88 12.10
CA LEU A 193 -10.93 -13.99 12.57
C LEU A 193 -10.05 -14.96 13.33
N ASP A 194 -10.55 -15.48 14.45
CA ASP A 194 -9.69 -16.21 15.38
C ASP A 194 -10.18 -17.62 15.62
N TYR A 195 -9.27 -18.43 16.15
CA TYR A 195 -9.57 -19.70 16.76
C TYR A 195 -9.00 -19.63 18.17
N ASN A 196 -9.86 -19.36 19.15
CA ASN A 196 -9.43 -19.17 20.54
C ASN A 196 -8.34 -18.10 20.64
N GLU A 197 -8.60 -16.95 20.02
CA GLU A 197 -7.73 -15.78 20.11
C GLU A 197 -6.55 -15.86 19.15
N TYR A 198 -6.21 -17.07 18.70
CA TYR A 198 -5.11 -17.20 17.77
C TYR A 198 -5.55 -16.95 16.32
N PHE A 199 -4.58 -16.73 15.44
CA PHE A 199 -4.76 -16.52 14.00
C PHE A 199 -5.33 -15.17 13.64
N ARG A 200 -5.48 -14.24 14.58
CA ARG A 200 -5.87 -12.89 14.17
C ARG A 200 -4.73 -12.21 13.44
N ASP A 201 -3.49 -12.53 13.84
CA ASP A 201 -2.26 -11.99 13.26
C ASP A 201 -1.91 -12.74 11.97
N LEU A 202 -2.79 -12.62 10.99
CA LEU A 202 -2.61 -13.33 9.73
C LEU A 202 -3.41 -12.57 8.69
N ASN A 203 -2.80 -12.24 7.56
CA ASN A 203 -3.47 -11.33 6.65
C ASN A 203 -4.43 -12.05 5.70
N HIS A 204 -4.15 -13.31 5.37
CA HIS A 204 -5.05 -14.14 4.56
C HIS A 204 -6.15 -14.76 5.40
N VAL A 205 -7.27 -15.08 4.76
CA VAL A 205 -8.23 -16.00 5.35
C VAL A 205 -7.82 -17.42 4.95
N ALA A 206 -7.83 -18.33 5.93
CA ALA A 206 -7.25 -19.65 5.77
C ALA A 206 -8.10 -20.68 6.50
N VAL A 207 -7.74 -21.94 6.34
CA VAL A 207 -8.37 -23.06 7.03
C VAL A 207 -7.36 -23.73 7.96
N ILE A 208 -7.80 -24.05 9.18
CA ILE A 208 -6.90 -24.64 10.16
C ILE A 208 -6.62 -26.09 9.81
N SER A 209 -5.38 -26.53 10.02
CA SER A 209 -5.00 -27.93 9.87
C SER A 209 -5.36 -28.72 11.14
N GLU A 210 -5.24 -30.05 11.06
CA GLU A 210 -5.56 -30.89 12.20
C GLU A 210 -4.60 -30.63 13.36
N THR A 211 -3.29 -30.74 13.08
CA THR A 211 -2.29 -30.28 14.03
C THR A 211 -2.69 -28.95 14.64
N GLY A 212 -3.09 -28.01 13.79
CA GLY A 212 -3.47 -26.69 14.23
C GLY A 212 -4.49 -26.69 15.34
N LYS A 213 -5.69 -27.21 15.08
CA LYS A 213 -6.74 -27.04 16.08
C LYS A 213 -6.47 -27.83 17.35
N ALA A 214 -5.55 -28.80 17.31
CA ALA A 214 -5.13 -29.46 18.53
C ALA A 214 -4.25 -28.53 19.36
N LYS A 215 -3.20 -27.98 18.75
CA LYS A 215 -2.24 -27.18 19.52
C LYS A 215 -2.93 -26.02 20.23
N TYR A 216 -3.97 -25.45 19.62
CA TYR A 216 -4.66 -24.29 20.17
C TYR A 216 -6.08 -24.61 20.63
N LYS A 217 -6.38 -25.87 20.93
CA LYS A 217 -7.68 -26.20 21.51
C LYS A 217 -7.85 -25.52 22.87
N ALA A 218 -9.08 -25.20 23.22
CA ALA A 218 -9.37 -24.67 24.55
C ALA A 218 -9.56 -25.80 25.55
N ARG B 4 10.50 -27.68 -8.65
CA ARG B 4 10.28 -26.29 -8.23
C ARG B 4 8.80 -25.89 -8.30
N SER B 5 8.49 -24.67 -7.84
CA SER B 5 7.12 -24.15 -7.83
C SER B 5 6.63 -23.92 -9.25
N PRO B 6 5.56 -24.62 -9.72
CA PRO B 6 4.96 -24.28 -11.02
C PRO B 6 4.09 -23.04 -10.95
N GLY B 7 4.12 -22.36 -9.80
CA GLY B 7 3.33 -21.15 -9.60
C GLY B 7 1.88 -21.47 -9.29
N VAL B 8 1.05 -20.43 -9.28
CA VAL B 8 -0.38 -20.60 -8.99
C VAL B 8 -1.09 -21.10 -10.25
N VAL B 9 -1.72 -22.26 -10.15
CA VAL B 9 -2.27 -22.94 -11.33
C VAL B 9 -3.71 -22.51 -11.52
N ILE B 10 -3.97 -21.69 -12.53
CA ILE B 10 -5.34 -21.31 -12.87
C ILE B 10 -5.85 -22.26 -13.96
N SER B 11 -6.89 -23.01 -13.63
CA SER B 11 -7.43 -24.03 -14.52
C SER B 11 -8.03 -23.44 -15.79
N ASP B 12 -8.12 -24.30 -16.82
CA ASP B 12 -8.77 -23.94 -18.08
C ASP B 12 -10.24 -23.58 -17.90
N ASP B 13 -10.91 -24.17 -16.91
CA ASP B 13 -12.31 -23.90 -16.67
C ASP B 13 -12.57 -22.73 -15.72
N GLU B 14 -11.53 -22.04 -15.28
CA GLU B 14 -11.71 -21.00 -14.28
C GLU B 14 -12.67 -19.95 -14.81
N PRO B 15 -13.78 -19.67 -14.11
CA PRO B 15 -14.78 -18.76 -14.65
C PRO B 15 -14.38 -17.29 -14.62
N GLY B 16 -13.43 -16.90 -13.77
CA GLY B 16 -13.18 -15.48 -13.51
C GLY B 16 -14.22 -14.91 -12.57
N TYR B 17 -14.15 -13.59 -12.38
CA TYR B 17 -15.09 -12.87 -11.54
C TYR B 17 -15.84 -11.82 -12.35
N ASP B 18 -17.12 -11.64 -12.04
CA ASP B 18 -17.91 -10.55 -12.62
C ASP B 18 -17.27 -9.19 -12.35
N LEU B 19 -17.32 -8.33 -13.38
CA LEU B 19 -16.72 -7.00 -13.27
C LEU B 19 -17.37 -6.15 -12.18
N ASP B 20 -18.67 -6.34 -11.93
CA ASP B 20 -19.35 -5.51 -10.95
CA ASP B 20 -19.36 -5.52 -10.94
C ASP B 20 -18.94 -5.83 -9.50
N LEU B 21 -18.12 -6.83 -9.28
CA LEU B 21 -17.66 -7.09 -7.92
C LEU B 21 -16.35 -6.38 -7.60
N PHE B 22 -15.74 -5.69 -8.58
CA PHE B 22 -14.45 -5.02 -8.40
C PHE B 22 -14.56 -3.60 -8.91
N ALA B 23 -13.61 -2.76 -8.51
CA ALA B 23 -13.51 -1.43 -9.08
C ALA B 23 -12.72 -1.52 -10.40
N ILE B 24 -13.32 -1.02 -11.48
CA ILE B 24 -12.80 -1.17 -12.84
C ILE B 24 -12.69 0.21 -13.47
N PRO B 25 -11.67 0.50 -14.29
CA PRO B 25 -11.61 1.82 -14.92
C PRO B 25 -12.89 2.10 -15.70
N ASN B 26 -13.41 3.31 -15.52
CA ASN B 26 -14.65 3.69 -16.18
C ASN B 26 -14.62 3.43 -17.69
N HIS B 27 -13.58 3.92 -18.39
CA HIS B 27 -13.46 3.88 -19.84
C HIS B 27 -13.30 2.47 -20.40
N TYR B 28 -13.17 1.43 -19.58
CA TYR B 28 -13.10 0.05 -20.08
C TYR B 28 -14.30 -0.77 -19.62
N ALA B 29 -15.27 -0.13 -18.96
CA ALA B 29 -16.50 -0.78 -18.51
C ALA B 29 -17.07 -1.79 -19.51
N GLU B 30 -17.16 -1.42 -20.80
CA GLU B 30 -17.76 -2.28 -21.83
C GLU B 30 -16.74 -3.14 -22.57
N ASP B 31 -15.46 -2.85 -22.43
CA ASP B 31 -14.41 -3.49 -23.21
C ASP B 31 -13.88 -4.77 -22.58
N LEU B 32 -14.35 -5.14 -21.39
CA LEU B 32 -13.82 -6.26 -20.63
C LEU B 32 -14.92 -7.28 -20.40
N GLU B 33 -14.54 -8.54 -20.35
CA GLU B 33 -15.52 -9.60 -20.09
C GLU B 33 -15.61 -9.96 -18.61
N ARG B 34 -14.47 -10.37 -18.02
CA ARG B 34 -14.36 -10.81 -16.64
C ARG B 34 -13.03 -10.35 -16.09
N VAL B 35 -12.94 -10.28 -14.76
CA VAL B 35 -11.65 -10.19 -14.10
C VAL B 35 -11.07 -11.59 -13.99
N PHE B 36 -9.83 -11.77 -14.44
CA PHE B 36 -9.19 -13.07 -14.40
C PHE B 36 -8.35 -13.29 -13.15
N ILE B 37 -7.50 -12.32 -12.82
CA ILE B 37 -6.61 -12.40 -11.66
C ILE B 37 -6.65 -11.03 -11.00
N PRO B 38 -7.26 -10.90 -9.83
CA PRO B 38 -7.32 -9.59 -9.18
C PRO B 38 -5.94 -9.05 -8.84
N HIS B 39 -5.84 -7.72 -8.89
CA HIS B 39 -4.58 -7.05 -8.54
C HIS B 39 -4.04 -7.52 -7.20
N GLY B 40 -4.92 -7.75 -6.23
CA GLY B 40 -4.45 -8.11 -4.90
C GLY B 40 -3.85 -9.50 -4.85
N LEU B 41 -4.39 -10.43 -5.64
CA LEU B 41 -3.77 -11.74 -5.79
C LEU B 41 -2.38 -11.63 -6.40
N ILE B 42 -2.25 -10.85 -7.48
CA ILE B 42 -0.93 -10.68 -8.09
C ILE B 42 0.07 -10.22 -7.03
N MET B 43 -0.33 -9.23 -6.22
CA MET B 43 0.52 -8.71 -5.15
C MET B 43 0.90 -9.80 -4.16
N ASP B 44 -0.09 -10.57 -3.68
CA ASP B 44 0.24 -11.59 -2.72
C ASP B 44 1.25 -12.59 -3.30
N ARG B 45 1.04 -12.99 -4.56
CA ARG B 45 1.96 -13.95 -5.19
C ARG B 45 3.33 -13.34 -5.42
N THR B 46 3.38 -12.09 -5.89
CA THR B 46 4.65 -11.40 -6.09
C THR B 46 5.45 -11.31 -4.80
N GLU B 47 4.79 -10.98 -3.68
CA GLU B 47 5.47 -10.94 -2.39
C GLU B 47 6.20 -12.24 -2.12
N ARG B 48 5.60 -13.37 -2.49
CA ARG B 48 6.30 -14.63 -2.26
C ARG B 48 7.38 -14.87 -3.32
N LEU B 49 7.19 -14.42 -4.56
CA LEU B 49 8.29 -14.59 -5.52
C LEU B 49 9.50 -13.76 -5.11
N ALA B 50 9.28 -12.62 -4.45
CA ALA B 50 10.43 -11.80 -4.05
C ALA B 50 11.26 -12.53 -3.01
N ARG B 51 10.61 -13.22 -2.08
CA ARG B 51 11.37 -14.04 -1.13
C ARG B 51 12.11 -15.16 -1.85
N ASP B 52 11.43 -15.85 -2.79
CA ASP B 52 12.09 -16.92 -3.55
C ASP B 52 13.27 -16.39 -4.34
N VAL B 53 13.09 -15.25 -5.00
CA VAL B 53 14.19 -14.67 -5.78
C VAL B 53 15.38 -14.35 -4.88
N MET B 54 15.11 -13.72 -3.73
CA MET B 54 16.18 -13.34 -2.82
C MET B 54 16.91 -14.56 -2.28
N LYS B 55 16.19 -15.64 -1.98
CA LYS B 55 16.81 -16.83 -1.43
C LYS B 55 17.76 -17.50 -2.43
N GLU B 56 17.63 -17.23 -3.72
CA GLU B 56 18.44 -17.89 -4.72
C GLU B 56 19.48 -16.99 -5.35
N MET B 57 19.25 -15.67 -5.36
CA MET B 57 20.15 -14.75 -6.03
C MET B 57 20.78 -13.74 -5.09
N GLY B 58 20.52 -13.85 -3.80
CA GLY B 58 20.85 -12.80 -2.87
C GLY B 58 22.27 -12.78 -2.33
N GLY B 59 23.16 -13.62 -2.83
CA GLY B 59 24.55 -13.62 -2.41
C GLY B 59 25.52 -12.84 -3.29
N HIS B 60 25.03 -12.04 -4.23
CA HIS B 60 25.89 -11.23 -5.08
C HIS B 60 25.04 -10.19 -5.80
N HIS B 61 25.63 -9.01 -6.04
CA HIS B 61 25.03 -7.96 -6.82
C HIS B 61 24.07 -8.49 -7.90
N ILE B 62 22.81 -8.07 -7.83
CA ILE B 62 21.79 -8.42 -8.81
C ILE B 62 21.64 -7.26 -9.77
N VAL B 63 21.59 -7.57 -11.07
CA VAL B 63 21.13 -6.64 -12.11
C VAL B 63 19.74 -7.11 -12.53
N ALA B 64 18.73 -6.31 -12.25
CA ALA B 64 17.36 -6.67 -12.64
C ALA B 64 17.07 -6.03 -14.00
N LEU B 65 16.70 -6.87 -14.95
CA LEU B 65 16.53 -6.48 -16.33
C LEU B 65 15.03 -6.56 -16.65
N CYS B 66 14.40 -5.41 -16.84
CA CYS B 66 12.97 -5.34 -17.13
C CYS B 66 12.77 -5.36 -18.64
N VAL B 67 11.93 -6.26 -19.13
CA VAL B 67 11.59 -6.32 -20.56
C VAL B 67 10.36 -5.46 -20.78
N LEU B 68 10.56 -4.26 -21.32
CA LEU B 68 9.45 -3.37 -21.64
C LEU B 68 8.60 -3.94 -22.78
N LYS B 69 7.34 -3.49 -22.87
CA LYS B 69 6.64 -2.62 -21.93
C LYS B 69 5.85 -3.46 -20.92
N GLY B 70 5.44 -4.64 -21.37
CA GLY B 70 4.59 -5.49 -20.54
C GLY B 70 5.13 -5.77 -19.15
N GLY B 71 6.45 -5.69 -18.97
CA GLY B 71 7.02 -6.09 -17.69
C GLY B 71 7.09 -5.02 -16.63
N TYR B 72 6.77 -3.77 -16.97
CA TYR B 72 7.07 -2.65 -16.08
C TYR B 72 6.29 -2.75 -14.75
N LYS B 73 5.00 -3.09 -14.79
CA LYS B 73 4.25 -3.19 -13.55
C LYS B 73 4.84 -4.26 -12.64
N PHE B 74 4.93 -5.49 -13.14
CA PHE B 74 5.50 -6.59 -12.36
C PHE B 74 6.92 -6.26 -11.89
N PHE B 75 7.73 -5.65 -12.76
CA PHE B 75 9.06 -5.23 -12.38
C PHE B 75 9.01 -4.30 -11.18
N ALA B 76 8.19 -3.24 -11.27
CA ALA B 76 8.09 -2.28 -10.19
C ALA B 76 7.67 -2.95 -8.89
N ASP B 77 6.62 -3.77 -8.93
CA ASP B 77 6.13 -4.36 -7.69
C ASP B 77 7.07 -5.43 -7.14
N LEU B 78 7.72 -6.19 -8.03
CA LEU B 78 8.67 -7.19 -7.56
C LEU B 78 9.83 -6.52 -6.86
N LEU B 79 10.31 -5.41 -7.43
CA LEU B 79 11.44 -4.74 -6.82
C LEU B 79 11.01 -4.07 -5.53
N ASP B 80 9.75 -3.60 -5.44
CA ASP B 80 9.30 -3.03 -4.16
C ASP B 80 9.24 -4.11 -3.08
N TYR B 81 8.77 -5.32 -3.44
CA TYR B 81 8.79 -6.35 -2.41
C TYR B 81 10.21 -6.78 -2.07
N ILE B 82 11.14 -6.77 -3.05
CA ILE B 82 12.54 -7.09 -2.76
C ILE B 82 13.16 -6.01 -1.87
N LYS B 83 12.93 -4.73 -2.16
CA LYS B 83 13.44 -3.69 -1.28
C LYS B 83 12.93 -3.88 0.14
N ALA B 84 11.64 -4.19 0.31
CA ALA B 84 11.09 -4.36 1.66
C ALA B 84 11.86 -5.44 2.41
N LEU B 85 12.25 -6.52 1.74
CA LEU B 85 13.02 -7.55 2.41
C LEU B 85 14.40 -7.03 2.81
N ASN B 86 15.02 -6.28 1.91
CA ASN B 86 16.38 -5.82 2.13
C ASN B 86 16.51 -4.76 3.23
N ARG B 87 15.43 -4.08 3.60
CA ARG B 87 15.56 -3.06 4.65
C ARG B 87 14.98 -3.51 5.98
N ASN B 88 14.53 -4.76 6.08
CA ASN B 88 13.96 -5.29 7.31
C ASN B 88 14.67 -6.59 7.69
N SER B 89 15.92 -6.73 7.29
CA SER B 89 16.74 -7.88 7.65
C SER B 89 18.15 -7.36 7.88
N ASP B 90 18.97 -8.22 8.48
CA ASP B 90 20.33 -7.82 8.82
C ASP B 90 21.17 -7.61 7.56
N ARG B 91 21.24 -8.62 6.71
CA ARG B 91 22.10 -8.61 5.54
C ARG B 91 21.29 -8.54 4.25
N SER B 92 21.85 -7.85 3.27
CA SER B 92 21.23 -7.62 1.97
C SER B 92 22.31 -7.25 0.97
N ILE B 93 21.99 -7.43 -0.31
CA ILE B 93 22.95 -7.17 -1.38
C ILE B 93 22.42 -6.04 -2.27
N PRO B 94 23.29 -5.20 -2.81
CA PRO B 94 22.82 -4.15 -3.73
C PRO B 94 22.24 -4.72 -5.03
N MET B 95 21.50 -3.85 -5.72
CA MET B 95 20.75 -4.21 -6.91
C MET B 95 20.76 -3.02 -7.85
N THR B 96 21.07 -3.26 -9.12
CA THR B 96 20.96 -2.26 -10.18
C THR B 96 19.87 -2.71 -11.16
N VAL B 97 19.45 -1.79 -12.01
CA VAL B 97 18.32 -2.05 -12.90
C VAL B 97 18.68 -1.57 -14.30
N ASP B 98 18.22 -2.32 -15.31
CA ASP B 98 18.28 -1.91 -16.70
C ASP B 98 16.93 -2.23 -17.36
N PHE B 99 16.62 -1.51 -18.43
CA PHE B 99 15.40 -1.76 -19.17
C PHE B 99 15.75 -2.04 -20.62
N ILE B 100 15.07 -3.01 -21.22
CA ILE B 100 15.24 -3.27 -22.64
C ILE B 100 13.89 -3.47 -23.31
N ARG B 101 13.88 -3.20 -24.61
CA ARG B 101 12.74 -3.45 -25.49
C ARG B 101 13.17 -4.38 -26.62
N LEU B 102 12.25 -5.25 -27.05
CA LEU B 102 12.54 -6.21 -28.11
C LEU B 102 11.80 -5.81 -29.38
N LYS B 103 12.50 -5.93 -30.52
CA LYS B 103 11.94 -5.68 -31.84
C LYS B 103 12.11 -6.91 -32.72
N SER B 104 11.14 -7.11 -33.63
CA SER B 104 11.10 -8.30 -34.49
C SER B 104 12.38 -8.47 -35.31
N ILE B 114 14.31 -10.38 -31.46
CA ILE B 114 15.59 -10.59 -32.14
C ILE B 114 16.59 -9.45 -31.88
N LYS B 115 16.10 -8.21 -31.83
CA LYS B 115 16.95 -7.05 -31.62
C LYS B 115 16.60 -6.40 -30.29
N VAL B 116 17.63 -6.18 -29.46
CA VAL B 116 17.50 -5.59 -28.13
C VAL B 116 17.62 -4.07 -28.24
N ILE B 117 16.54 -3.37 -27.92
CA ILE B 117 16.44 -1.92 -28.11
C ILE B 117 16.70 -1.23 -26.77
N GLY B 118 17.63 -0.28 -26.77
CA GLY B 118 17.98 0.44 -25.55
C GLY B 118 18.94 -0.30 -24.65
N GLY B 119 18.67 -0.27 -23.36
CA GLY B 119 19.53 -0.95 -22.43
C GLY B 119 20.90 -0.32 -22.32
N ASP B 120 21.54 -0.54 -21.17
CA ASP B 120 22.97 -0.27 -21.05
C ASP B 120 23.74 -1.18 -21.99
N ASP B 121 25.06 -1.00 -22.02
CA ASP B 121 25.90 -1.97 -22.70
C ASP B 121 25.78 -3.32 -22.01
N LEU B 122 25.59 -4.36 -22.82
CA LEU B 122 25.44 -5.69 -22.25
C LEU B 122 26.69 -6.16 -21.49
N SER B 123 27.83 -5.48 -21.65
CA SER B 123 29.00 -5.80 -20.81
C SER B 123 28.75 -5.52 -19.33
N THR B 124 27.83 -4.62 -19.01
CA THR B 124 27.44 -4.39 -17.63
C THR B 124 26.86 -5.61 -16.96
N LEU B 125 26.62 -6.69 -17.70
CA LEU B 125 26.05 -7.91 -17.14
C LEU B 125 27.08 -8.96 -16.79
N THR B 126 28.33 -8.80 -17.26
CA THR B 126 29.35 -9.82 -17.05
C THR B 126 29.66 -10.01 -15.56
N GLY B 127 29.68 -11.27 -15.13
CA GLY B 127 29.93 -11.58 -13.74
C GLY B 127 28.85 -11.17 -12.78
N LYS B 128 27.76 -10.58 -13.26
CA LYS B 128 26.67 -10.20 -12.38
C LYS B 128 25.65 -11.32 -12.26
N ASN B 129 24.78 -11.20 -11.26
CA ASN B 129 23.60 -12.04 -11.16
C ASN B 129 22.46 -11.31 -11.87
N VAL B 130 22.00 -11.85 -13.00
CA VAL B 130 21.04 -11.16 -13.85
C VAL B 130 19.67 -11.80 -13.64
N LEU B 131 18.70 -10.95 -13.30
CA LEU B 131 17.31 -11.35 -13.13
C LEU B 131 16.55 -10.68 -14.27
N ILE B 132 16.09 -11.48 -15.23
CA ILE B 132 15.26 -10.94 -16.31
C ILE B 132 13.82 -11.04 -15.86
N VAL B 133 13.09 -9.95 -16.01
CA VAL B 133 11.72 -9.88 -15.50
C VAL B 133 10.77 -9.72 -16.66
N GLU B 134 9.79 -10.60 -16.73
CA GLU B 134 8.90 -10.66 -17.88
C GLU B 134 7.44 -10.70 -17.41
N ASP B 135 6.54 -10.13 -18.22
CA ASP B 135 5.11 -10.26 -17.94
C ASP B 135 4.60 -11.66 -18.31
N ILE B 136 4.96 -12.17 -19.48
CA ILE B 136 4.34 -13.42 -19.94
C ILE B 136 5.33 -14.22 -20.80
N ILE B 137 5.37 -15.53 -20.55
CA ILE B 137 6.00 -16.51 -21.41
CA ILE B 137 6.00 -16.49 -21.43
C ILE B 137 4.90 -17.27 -22.12
N ASP B 138 5.00 -17.39 -23.44
CA ASP B 138 3.97 -18.08 -24.20
C ASP B 138 4.59 -19.32 -24.85
N THR B 139 5.13 -19.18 -26.06
CA THR B 139 5.93 -20.27 -26.60
C THR B 139 7.28 -20.39 -25.91
N GLY B 140 7.79 -19.29 -25.36
CA GLY B 140 9.13 -19.27 -24.81
C GLY B 140 10.22 -18.92 -25.82
N LYS B 141 9.88 -18.78 -27.10
CA LYS B 141 10.91 -18.55 -28.11
C LYS B 141 11.61 -17.21 -27.89
N THR B 142 10.86 -16.17 -27.56
CA THR B 142 11.50 -14.87 -27.28
C THR B 142 12.42 -14.94 -26.08
N MET B 143 12.04 -15.69 -25.03
CA MET B 143 12.94 -15.75 -23.88
C MET B 143 14.21 -16.52 -24.24
N GLN B 144 14.07 -17.61 -25.00
CA GLN B 144 15.26 -18.34 -25.44
C GLN B 144 16.17 -17.41 -26.22
N THR B 145 15.60 -16.63 -27.13
CA THR B 145 16.41 -15.72 -27.91
C THR B 145 17.15 -14.73 -27.03
N LEU B 146 16.44 -14.15 -26.05
CA LEU B 146 17.06 -13.16 -25.16
C LEU B 146 18.18 -13.79 -24.33
N LEU B 147 17.92 -14.97 -23.76
CA LEU B 147 18.93 -15.68 -23.00
C LEU B 147 20.15 -15.95 -23.85
N SER B 148 19.93 -16.31 -25.11
CA SER B 148 21.06 -16.64 -25.96
C SER B 148 21.96 -15.42 -26.18
N LEU B 149 21.41 -14.21 -26.14
CA LEU B 149 22.25 -13.03 -26.24
CA LEU B 149 22.25 -13.03 -26.25
C LEU B 149 22.90 -12.69 -24.91
N VAL B 150 22.12 -12.70 -23.84
CA VAL B 150 22.69 -12.40 -22.53
C VAL B 150 23.87 -13.34 -22.26
N ARG B 151 23.73 -14.62 -22.63
CA ARG B 151 24.75 -15.58 -22.23
C ARG B 151 26.07 -15.35 -22.95
N GLN B 152 26.05 -14.65 -24.08
CA GLN B 152 27.31 -14.27 -24.73
C GLN B 152 28.15 -13.31 -23.89
N TYR B 153 27.56 -12.68 -22.87
CA TYR B 153 28.30 -11.71 -22.08
C TYR B 153 28.69 -12.25 -20.70
N ASN B 154 28.53 -13.55 -20.48
CA ASN B 154 29.07 -14.29 -19.35
C ASN B 154 28.62 -13.76 -18.02
N PRO B 155 27.31 -13.76 -17.74
CA PRO B 155 26.85 -13.49 -16.38
C PRO B 155 27.28 -14.60 -15.44
N LYS B 156 27.46 -14.23 -14.18
CA LYS B 156 27.64 -15.24 -13.14
C LYS B 156 26.47 -16.22 -13.12
N MET B 157 25.23 -15.71 -13.20
CA MET B 157 24.03 -16.53 -13.38
C MET B 157 22.96 -15.66 -14.04
N VAL B 158 22.01 -16.31 -14.69
CA VAL B 158 20.88 -15.59 -15.25
C VAL B 158 19.62 -16.38 -14.95
N LYS B 159 18.59 -15.68 -14.46
CA LYS B 159 17.34 -16.29 -14.07
C LYS B 159 16.21 -15.44 -14.62
N VAL B 160 15.07 -16.08 -14.86
CA VAL B 160 13.93 -15.39 -15.45
C VAL B 160 12.76 -15.49 -14.48
N ALA B 161 12.13 -14.34 -14.22
CA ALA B 161 10.86 -14.28 -13.52
C ALA B 161 9.77 -13.84 -14.49
N SER B 162 8.69 -14.59 -14.53
CA SER B 162 7.57 -14.22 -15.39
C SER B 162 6.32 -14.21 -14.54
N LEU B 163 5.54 -13.13 -14.63
CA LEU B 163 4.28 -13.12 -13.90
C LEU B 163 3.39 -14.27 -14.37
N LEU B 164 3.27 -14.44 -15.69
CA LEU B 164 2.36 -15.40 -16.29
C LEU B 164 3.12 -16.36 -17.18
N VAL B 165 2.75 -17.64 -17.11
CA VAL B 165 3.20 -18.66 -18.06
C VAL B 165 1.99 -19.36 -18.63
N LYS B 166 1.88 -19.38 -19.96
CA LYS B 166 0.77 -20.07 -20.63
C LYS B 166 0.99 -21.58 -20.74
N ARG B 167 -0.04 -22.34 -20.38
CA ARG B 167 -0.15 -23.77 -20.70
C ARG B 167 -0.57 -23.86 -22.16
N THR B 168 0.40 -24.01 -23.04
CA THR B 168 0.07 -24.15 -24.43
C THR B 168 0.86 -25.29 -25.03
N PRO B 169 0.26 -26.09 -25.91
CA PRO B 169 1.07 -27.06 -26.66
C PRO B 169 2.10 -26.38 -27.56
N ARG B 170 1.87 -25.14 -27.98
CA ARG B 170 2.88 -24.44 -28.77
C ARG B 170 4.15 -24.13 -27.96
N SER B 171 4.26 -24.55 -26.71
CA SER B 171 5.46 -24.26 -25.94
C SER B 171 6.65 -25.02 -26.52
N VAL B 172 7.75 -24.29 -26.76
CA VAL B 172 8.98 -24.90 -27.26
C VAL B 172 9.77 -25.65 -26.21
N GLY B 173 9.31 -25.70 -24.97
CA GLY B 173 9.97 -26.46 -23.93
C GLY B 173 10.62 -25.62 -22.84
N TYR B 174 10.85 -24.34 -23.08
CA TYR B 174 11.58 -23.51 -22.12
C TYR B 174 10.69 -23.18 -20.92
N LYS B 175 11.27 -23.29 -19.71
CA LYS B 175 10.53 -22.88 -18.50
C LYS B 175 11.30 -21.84 -17.71
N PRO B 176 10.63 -20.80 -17.22
CA PRO B 176 11.31 -19.80 -16.40
C PRO B 176 11.65 -20.37 -15.03
N ASP B 177 12.43 -19.59 -14.28
CA ASP B 177 12.86 -20.01 -12.95
C ASP B 177 11.86 -19.65 -11.87
N PHE B 178 11.17 -18.54 -12.05
CA PHE B 178 10.17 -18.07 -11.11
C PHE B 178 8.92 -17.73 -11.90
N VAL B 179 7.78 -18.31 -11.51
CA VAL B 179 6.51 -18.08 -12.19
CA VAL B 179 6.51 -18.09 -12.19
C VAL B 179 5.46 -17.71 -11.16
N GLY B 180 4.81 -16.56 -11.38
CA GLY B 180 3.63 -16.17 -10.63
C GLY B 180 2.47 -17.12 -10.86
N PHE B 181 1.94 -17.18 -12.09
CA PHE B 181 0.71 -17.91 -12.41
C PHE B 181 0.84 -18.67 -13.72
N GLU B 182 0.34 -19.91 -13.72
CA GLU B 182 0.26 -20.75 -14.92
C GLU B 182 -1.17 -20.66 -15.42
N ILE B 183 -1.38 -20.01 -16.56
CA ILE B 183 -2.73 -19.66 -17.00
C ILE B 183 -3.11 -20.44 -18.24
N PRO B 184 -4.41 -20.59 -18.54
CA PRO B 184 -4.84 -21.21 -19.80
C PRO B 184 -4.22 -20.60 -21.04
N ASP B 185 -4.41 -21.26 -22.17
CA ASP B 185 -4.02 -20.73 -23.48
C ASP B 185 -5.14 -19.84 -24.02
N LYS B 186 -5.26 -18.65 -23.43
CA LYS B 186 -6.24 -17.66 -23.86
C LYS B 186 -5.66 -16.27 -23.61
N PHE B 187 -6.31 -15.25 -24.17
CA PHE B 187 -5.72 -13.91 -24.28
C PHE B 187 -6.18 -13.01 -23.14
N VAL B 188 -5.22 -12.53 -22.33
CA VAL B 188 -5.48 -11.71 -21.16
C VAL B 188 -4.84 -10.33 -21.33
N VAL B 189 -5.39 -9.35 -20.60
CA VAL B 189 -4.92 -7.97 -20.63
C VAL B 189 -4.86 -7.43 -19.21
N GLY B 190 -4.21 -6.28 -19.07
CA GLY B 190 -4.14 -5.59 -17.80
C GLY B 190 -2.81 -5.84 -17.09
N TYR B 191 -2.60 -5.04 -16.04
CA TYR B 191 -1.36 -5.08 -15.29
C TYR B 191 -0.18 -4.92 -16.24
N ALA B 192 -0.32 -3.95 -17.15
CA ALA B 192 0.70 -3.61 -18.14
C ALA B 192 0.61 -4.45 -19.43
N LEU B 193 -0.12 -5.58 -19.38
CA LEU B 193 -0.36 -6.40 -20.58
C LEU B 193 -1.42 -5.74 -21.47
N ASP B 194 -1.09 -5.56 -22.74
CA ASP B 194 -1.84 -4.68 -23.63
C ASP B 194 -2.55 -5.43 -24.74
N TYR B 195 -3.43 -4.70 -25.42
CA TYR B 195 -4.02 -5.08 -26.69
C TYR B 195 -3.91 -3.83 -27.55
N ASN B 196 -3.03 -3.87 -28.55
CA ASN B 196 -2.79 -2.71 -29.41
C ASN B 196 -2.57 -1.44 -28.57
N GLU B 197 -1.80 -1.60 -27.48
CA GLU B 197 -1.30 -0.54 -26.62
C GLU B 197 -2.34 -0.16 -25.55
N TYR B 198 -3.59 -0.60 -25.67
CA TYR B 198 -4.65 -0.32 -24.71
C TYR B 198 -4.65 -1.38 -23.61
N PHE B 199 -5.25 -1.03 -22.47
CA PHE B 199 -5.44 -1.88 -21.30
C PHE B 199 -4.20 -2.02 -20.44
N ARG B 200 -3.18 -1.22 -20.71
CA ARG B 200 -2.02 -1.28 -19.82
C ARG B 200 -2.38 -0.61 -18.49
N ASP B 201 -3.15 0.48 -18.55
CA ASP B 201 -3.60 1.28 -17.43
C ASP B 201 -4.72 0.59 -16.67
N LEU B 202 -4.49 -0.65 -16.26
CA LEU B 202 -5.53 -1.41 -15.59
C LEU B 202 -4.83 -2.32 -14.59
N ASN B 203 -5.35 -2.40 -13.37
CA ASN B 203 -4.60 -3.07 -12.32
C ASN B 203 -4.92 -4.56 -12.24
N HIS B 204 -6.10 -4.99 -12.64
CA HIS B 204 -6.39 -6.42 -12.68
C HIS B 204 -5.93 -7.02 -14.00
N VAL B 205 -5.64 -8.32 -13.99
CA VAL B 205 -5.50 -9.07 -15.24
C VAL B 205 -6.89 -9.58 -15.62
N ALA B 206 -7.27 -9.39 -16.90
CA ALA B 206 -8.65 -9.57 -17.33
C ALA B 206 -8.69 -10.14 -18.75
N VAL B 207 -9.86 -10.61 -19.16
CA VAL B 207 -10.10 -11.09 -20.52
C VAL B 207 -10.88 -10.03 -21.27
N ILE B 208 -10.40 -9.71 -22.48
CA ILE B 208 -11.08 -8.71 -23.30
CA ILE B 208 -11.07 -8.72 -23.32
C ILE B 208 -12.42 -9.26 -23.78
N SER B 209 -13.40 -8.36 -23.89
CA SER B 209 -14.71 -8.72 -24.41
C SER B 209 -14.79 -8.44 -25.91
N GLU B 210 -15.97 -8.70 -26.49
CA GLU B 210 -16.14 -8.56 -27.93
C GLU B 210 -16.13 -7.09 -28.34
N THR B 211 -16.98 -6.27 -27.71
CA THR B 211 -16.93 -4.82 -27.91
C THR B 211 -15.50 -4.30 -27.83
N GLY B 212 -14.68 -4.85 -26.92
CA GLY B 212 -13.34 -4.35 -26.71
C GLY B 212 -12.35 -4.75 -27.79
N LYS B 213 -12.34 -6.03 -28.14
CA LYS B 213 -11.51 -6.51 -29.24
C LYS B 213 -11.78 -5.72 -30.52
N ALA B 214 -13.05 -5.39 -30.77
CA ALA B 214 -13.41 -4.59 -31.95
C ALA B 214 -13.06 -3.11 -31.77
N LYS B 215 -13.23 -2.57 -30.56
CA LYS B 215 -13.12 -1.12 -30.41
C LYS B 215 -11.68 -0.65 -30.63
N TYR B 216 -10.71 -1.44 -30.18
CA TYR B 216 -9.31 -1.05 -30.24
C TYR B 216 -8.52 -1.88 -31.25
N LYS B 217 -9.19 -2.72 -32.03
CA LYS B 217 -8.50 -3.57 -33.00
C LYS B 217 -7.49 -2.79 -33.84
N ALA B 218 -6.52 -3.50 -34.39
CA ALA B 218 -5.44 -2.86 -35.14
C ALA B 218 -5.98 -2.28 -36.45
N SER C 5 16.33 7.20 22.63
CA SER C 5 15.87 7.89 21.44
C SER C 5 14.44 8.43 21.63
N PRO C 6 14.28 9.74 21.45
CA PRO C 6 12.93 10.34 21.48
C PRO C 6 12.16 10.21 20.18
N GLY C 7 12.60 9.38 19.23
CA GLY C 7 11.88 9.31 17.97
C GLY C 7 12.17 10.53 17.11
N VAL C 8 11.29 10.76 16.15
CA VAL C 8 11.44 11.85 15.19
C VAL C 8 11.04 13.15 15.87
N VAL C 9 11.98 14.09 15.95
CA VAL C 9 11.79 15.33 16.70
C VAL C 9 11.22 16.37 15.76
N ILE C 10 10.01 16.82 16.02
CA ILE C 10 9.40 17.95 15.32
C ILE C 10 9.53 19.17 16.23
N SER C 11 10.15 20.23 15.72
CA SER C 11 10.52 21.35 16.57
C SER C 11 9.36 22.33 16.71
N ASP C 12 9.47 23.21 17.72
CA ASP C 12 8.40 24.15 18.04
C ASP C 12 8.13 25.12 16.90
N ASP C 13 9.13 25.40 16.07
CA ASP C 13 9.04 26.37 15.00
C ASP C 13 8.87 25.73 13.62
N GLU C 14 8.56 24.42 13.57
CA GLU C 14 8.22 23.75 12.31
C GLU C 14 6.94 24.33 11.76
N PRO C 15 6.95 24.86 10.54
CA PRO C 15 5.71 25.43 9.97
C PRO C 15 4.71 24.39 9.49
N GLY C 16 5.14 23.16 9.20
CA GLY C 16 4.24 22.21 8.57
C GLY C 16 3.91 22.67 7.14
N TYR C 17 3.01 21.93 6.52
CA TYR C 17 2.81 22.08 5.09
C TYR C 17 1.43 22.66 4.77
N ASP C 18 1.38 23.53 3.77
CA ASP C 18 0.11 24.07 3.33
CA ASP C 18 0.12 24.07 3.31
C ASP C 18 -0.84 22.95 2.95
N LEU C 19 -2.14 23.19 3.19
CA LEU C 19 -3.13 22.18 2.89
C LEU C 19 -3.13 21.82 1.41
N ASP C 20 -2.78 22.77 0.55
CA ASP C 20 -2.97 22.59 -0.89
C ASP C 20 -1.93 21.65 -1.51
N LEU C 21 -0.87 21.35 -0.79
CA LEU C 21 0.12 20.44 -1.35
C LEU C 21 -0.32 18.99 -1.24
N PHE C 22 -1.40 18.69 -0.52
CA PHE C 22 -1.78 17.32 -0.19
C PHE C 22 -3.26 17.09 -0.46
N ALA C 23 -3.64 15.82 -0.55
CA ALA C 23 -5.06 15.50 -0.70
C ALA C 23 -5.72 15.47 0.67
N ILE C 24 -6.74 16.31 0.85
CA ILE C 24 -7.43 16.49 2.12
C ILE C 24 -8.93 16.29 1.94
N PRO C 25 -9.59 15.55 2.82
CA PRO C 25 -11.05 15.46 2.73
C PRO C 25 -11.62 16.87 2.63
N ASN C 26 -12.47 17.09 1.62
CA ASN C 26 -12.97 18.43 1.35
C ASN C 26 -13.78 18.99 2.52
N HIS C 27 -14.50 18.13 3.26
CA HIS C 27 -15.33 18.66 4.34
C HIS C 27 -14.52 19.24 5.49
N TYR C 28 -13.21 18.99 5.58
CA TYR C 28 -12.35 19.62 6.58
C TYR C 28 -11.50 20.75 5.99
N ALA C 29 -11.80 21.20 4.77
CA ALA C 29 -10.96 22.22 4.12
C ALA C 29 -10.78 23.46 4.99
N GLU C 30 -11.86 23.96 5.61
CA GLU C 30 -11.79 25.21 6.38
C GLU C 30 -11.31 25.01 7.80
N ASP C 31 -11.31 23.77 8.29
CA ASP C 31 -11.16 23.49 9.71
C ASP C 31 -9.74 23.11 10.10
N LEU C 32 -8.79 23.10 9.16
CA LEU C 32 -7.39 22.78 9.45
C LEU C 32 -6.49 23.92 9.00
N GLU C 33 -5.49 24.20 9.84
CA GLU C 33 -4.52 25.23 9.52
C GLU C 33 -3.43 24.69 8.61
N ARG C 34 -2.71 23.67 9.08
CA ARG C 34 -1.59 23.08 8.39
C ARG C 34 -1.62 21.57 8.55
N VAL C 35 -0.99 20.88 7.61
CA VAL C 35 -0.64 19.48 7.82
C VAL C 35 0.65 19.43 8.65
N PHE C 36 0.60 18.70 9.76
CA PHE C 36 1.70 18.60 10.69
C PHE C 36 2.60 17.38 10.41
N ILE C 37 2.03 16.19 10.30
CA ILE C 37 2.81 14.99 10.02
C ILE C 37 2.10 14.22 8.91
N PRO C 38 2.62 14.25 7.68
CA PRO C 38 1.92 13.59 6.58
C PRO C 38 1.80 12.09 6.84
N HIS C 39 0.68 11.53 6.39
CA HIS C 39 0.39 10.12 6.57
C HIS C 39 1.58 9.23 6.20
N GLY C 40 2.14 9.44 5.01
CA GLY C 40 3.21 8.57 4.57
C GLY C 40 4.44 8.63 5.46
N LEU C 41 4.69 9.80 6.07
CA LEU C 41 5.74 9.89 7.08
C LEU C 41 5.41 9.04 8.29
N ILE C 42 4.15 9.02 8.69
CA ILE C 42 3.76 8.16 9.81
C ILE C 42 4.02 6.70 9.47
N MET C 43 3.67 6.29 8.24
CA MET C 43 3.93 4.92 7.78
C MET C 43 5.41 4.56 7.84
N ASP C 44 6.27 5.45 7.33
CA ASP C 44 7.70 5.14 7.31
C ASP C 44 8.26 4.99 8.74
N ARG C 45 7.89 5.90 9.65
CA ARG C 45 8.30 5.76 11.04
C ARG C 45 7.74 4.48 11.68
N THR C 46 6.47 4.17 11.43
CA THR C 46 5.87 2.98 12.02
C THR C 46 6.58 1.73 11.54
N GLU C 47 6.97 1.70 10.25
CA GLU C 47 7.74 0.59 9.74
C GLU C 47 8.97 0.35 10.60
N ARG C 48 9.75 1.40 10.86
CA ARG C 48 10.90 1.22 11.75
C ARG C 48 10.46 0.78 13.14
N LEU C 49 9.40 1.40 13.68
CA LEU C 49 8.94 0.99 15.00
C LEU C 49 8.60 -0.50 15.02
N ALA C 50 8.00 -1.01 13.94
CA ALA C 50 7.65 -2.43 13.90
C ALA C 50 8.88 -3.31 14.05
N ARG C 51 9.98 -2.93 13.41
CA ARG C 51 11.20 -3.71 13.58
C ARG C 51 11.73 -3.60 15.00
N ASP C 52 11.72 -2.40 15.59
CA ASP C 52 12.23 -2.33 16.97
C ASP C 52 11.34 -3.09 17.93
N VAL C 53 10.03 -3.12 17.67
CA VAL C 53 9.17 -3.87 18.59
C VAL C 53 9.54 -5.36 18.57
N MET C 54 9.69 -5.94 17.37
CA MET C 54 9.99 -7.36 17.28
C MET C 54 11.38 -7.68 17.82
N LYS C 55 12.34 -6.76 17.67
CA LYS C 55 13.67 -7.09 18.14
C LYS C 55 13.68 -7.26 19.65
N GLU C 56 12.84 -6.49 20.35
CA GLU C 56 12.77 -6.53 21.81
C GLU C 56 11.71 -7.49 22.35
N MET C 57 10.63 -7.70 21.64
CA MET C 57 9.50 -8.44 22.18
C MET C 57 9.24 -9.75 21.46
N GLY C 58 9.91 -10.01 20.32
CA GLY C 58 9.66 -11.19 19.50
C GLY C 58 10.01 -12.52 20.14
N GLY C 59 10.59 -12.52 21.35
CA GLY C 59 11.02 -13.75 21.99
C GLY C 59 9.92 -14.59 22.62
N HIS C 60 8.72 -14.05 22.80
CA HIS C 60 7.67 -14.74 23.53
C HIS C 60 6.33 -14.18 23.07
N HIS C 61 5.28 -14.99 23.20
CA HIS C 61 3.94 -14.62 22.78
C HIS C 61 3.61 -13.19 23.20
N ILE C 62 3.25 -12.37 22.23
CA ILE C 62 2.88 -10.98 22.45
C ILE C 62 1.36 -10.86 22.59
N VAL C 63 0.91 -10.03 23.53
CA VAL C 63 -0.46 -9.54 23.59
C VAL C 63 -0.41 -8.05 23.26
N ALA C 64 -1.01 -7.66 22.14
CA ALA C 64 -1.03 -6.25 21.75
C ALA C 64 -2.31 -5.62 22.25
N LEU C 65 -2.19 -4.53 23.01
CA LEU C 65 -3.31 -3.88 23.67
CA LEU C 65 -3.31 -3.88 23.67
C LEU C 65 -3.54 -2.51 23.02
N CYS C 66 -4.63 -2.40 22.26
CA CYS C 66 -4.97 -1.14 21.62
C CYS C 66 -5.76 -0.27 22.61
N VAL C 67 -5.40 1.00 22.74
CA VAL C 67 -6.10 1.91 23.64
C VAL C 67 -7.02 2.76 22.77
N LEU C 68 -8.30 2.39 22.75
CA LEU C 68 -9.31 3.08 21.94
C LEU C 68 -9.63 4.45 22.53
N LYS C 69 -10.11 5.35 21.68
CA LYS C 69 -10.32 5.17 20.26
C LYS C 69 -9.13 5.66 19.42
N GLY C 70 -8.40 6.63 19.97
CA GLY C 70 -7.36 7.26 19.20
C GLY C 70 -6.25 6.31 18.76
N GLY C 71 -6.06 5.21 19.47
CA GLY C 71 -4.98 4.34 19.09
C GLY C 71 -5.25 3.42 17.92
N TYR C 72 -6.44 3.46 17.34
CA TYR C 72 -6.83 2.35 16.48
C TYR C 72 -6.08 2.36 15.15
N LYS C 73 -5.73 3.54 14.62
CA LYS C 73 -5.01 3.58 13.35
C LYS C 73 -3.57 3.13 13.53
N PHE C 74 -2.87 3.76 14.46
CA PHE C 74 -1.50 3.39 14.78
C PHE C 74 -1.41 1.90 15.05
N PHE C 75 -2.35 1.39 15.83
CA PHE C 75 -2.40 -0.03 16.18
C PHE C 75 -2.50 -0.90 14.94
N ALA C 76 -3.46 -0.60 14.04
CA ALA C 76 -3.64 -1.45 12.86
C ALA C 76 -2.44 -1.35 11.93
N ASP C 77 -1.88 -0.16 11.78
CA ASP C 77 -0.72 -0.02 10.90
C ASP C 77 0.55 -0.62 11.53
N LEU C 78 0.73 -0.49 12.84
CA LEU C 78 1.88 -1.13 13.47
C LEU C 78 1.77 -2.65 13.38
N LEU C 79 0.58 -3.18 13.64
CA LEU C 79 0.44 -4.63 13.56
C LEU C 79 0.57 -5.11 12.12
N ASP C 80 0.13 -4.29 11.15
CA ASP C 80 0.32 -4.65 9.74
C ASP C 80 1.80 -4.79 9.43
N TYR C 81 2.62 -3.82 9.88
CA TYR C 81 4.05 -3.92 9.62
C TYR C 81 4.68 -5.05 10.39
N ILE C 82 4.19 -5.37 11.59
CA ILE C 82 4.75 -6.53 12.29
C ILE C 82 4.38 -7.81 11.55
N LYS C 83 3.15 -7.90 11.05
CA LYS C 83 2.75 -9.06 10.28
C LYS C 83 3.66 -9.23 9.07
N ALA C 84 3.98 -8.12 8.40
CA ALA C 84 4.81 -8.21 7.22
C ALA C 84 6.19 -8.74 7.57
N LEU C 85 6.71 -8.39 8.76
CA LEU C 85 7.99 -8.96 9.20
C LEU C 85 7.85 -10.45 9.47
N ASN C 86 6.78 -10.86 10.15
CA ASN C 86 6.71 -12.24 10.60
C ASN C 86 6.44 -13.24 9.47
N ARG C 87 5.85 -12.81 8.34
CA ARG C 87 5.65 -13.74 7.24
C ARG C 87 6.82 -13.70 6.25
N ASN C 88 7.88 -12.94 6.54
CA ASN C 88 9.01 -12.85 5.62
C ASN C 88 10.34 -13.11 6.33
N SER C 89 10.30 -13.84 7.44
CA SER C 89 11.47 -14.12 8.27
C SER C 89 11.39 -15.57 8.74
N ASP C 90 12.49 -16.06 9.29
CA ASP C 90 12.54 -17.45 9.71
C ASP C 90 12.09 -17.66 11.15
N ARG C 91 11.97 -16.59 11.94
CA ARG C 91 11.52 -16.70 13.32
C ARG C 91 10.49 -15.62 13.59
N SER C 92 9.35 -16.02 14.14
CA SER C 92 8.33 -15.09 14.59
C SER C 92 7.65 -15.72 15.80
N ILE C 93 6.71 -14.98 16.39
CA ILE C 93 5.96 -15.49 17.54
CA ILE C 93 5.96 -15.44 17.56
C ILE C 93 4.47 -15.19 17.34
N PRO C 94 3.58 -16.04 17.85
CA PRO C 94 2.15 -15.69 17.82
C PRO C 94 1.89 -14.40 18.57
N MET C 95 0.80 -13.76 18.19
CA MET C 95 0.43 -12.47 18.75
C MET C 95 -1.08 -12.40 18.78
N THR C 96 -1.63 -12.16 19.97
CA THR C 96 -3.04 -11.92 20.19
C THR C 96 -3.29 -10.43 20.41
N VAL C 97 -4.54 -10.02 20.29
CA VAL C 97 -4.87 -8.61 20.38
C VAL C 97 -6.01 -8.45 21.37
N ASP C 98 -6.07 -7.26 21.98
CA ASP C 98 -7.21 -6.84 22.77
C ASP C 98 -7.33 -5.34 22.67
N PHE C 99 -8.54 -4.85 22.94
CA PHE C 99 -8.89 -3.45 22.84
C PHE C 99 -9.47 -3.02 24.19
N ILE C 100 -9.08 -1.84 24.66
CA ILE C 100 -9.56 -1.34 25.94
C ILE C 100 -9.79 0.15 25.84
N ARG C 101 -10.76 0.63 26.60
CA ARG C 101 -10.96 2.06 26.85
C ARG C 101 -10.56 2.35 28.30
N LEU C 102 -10.03 3.55 28.53
CA LEU C 102 -9.53 3.96 29.84
C LEU C 102 -10.29 5.18 30.35
N LYS C 103 -10.80 5.09 31.58
CA LYS C 103 -11.37 6.26 32.27
C LYS C 103 -10.65 6.51 33.60
N GLY C 112 -6.00 5.15 44.15
CA GLY C 112 -6.56 5.16 42.80
C GLY C 112 -6.09 4.04 41.86
N ASP C 113 -7.08 3.38 41.23
CA ASP C 113 -6.86 2.33 40.24
C ASP C 113 -7.59 2.74 38.96
N ILE C 114 -6.87 2.80 37.84
CA ILE C 114 -7.47 3.26 36.60
C ILE C 114 -8.62 2.33 36.20
N LYS C 115 -9.70 2.92 35.69
CA LYS C 115 -10.85 2.15 35.21
C LYS C 115 -10.58 1.71 33.77
N VAL C 116 -10.41 0.40 33.58
CA VAL C 116 -10.25 -0.19 32.26
C VAL C 116 -11.61 -0.70 31.79
N ILE C 117 -12.02 -0.30 30.59
CA ILE C 117 -13.36 -0.60 30.09
C ILE C 117 -13.26 -1.56 28.90
N GLY C 118 -14.10 -2.59 28.92
CA GLY C 118 -13.95 -3.65 27.96
C GLY C 118 -12.72 -4.49 28.33
N GLY C 119 -12.26 -5.26 27.36
CA GLY C 119 -11.07 -6.07 27.52
C GLY C 119 -11.36 -7.45 28.06
N ASP C 120 -10.49 -8.40 27.72
CA ASP C 120 -10.56 -9.68 28.40
C ASP C 120 -10.17 -9.48 29.86
N ASP C 121 -10.34 -10.53 30.66
CA ASP C 121 -9.75 -10.46 31.99
C ASP C 121 -8.25 -10.22 31.85
N LEU C 122 -7.70 -9.39 32.76
CA LEU C 122 -6.27 -9.08 32.73
CA LEU C 122 -6.28 -9.07 32.76
C LEU C 122 -5.40 -10.28 33.07
N SER C 123 -5.97 -11.35 33.61
CA SER C 123 -5.20 -12.60 33.73
C SER C 123 -4.73 -13.11 32.38
N THR C 124 -5.37 -12.70 31.27
CA THR C 124 -4.82 -13.06 29.97
C THR C 124 -3.45 -12.45 29.75
N LEU C 125 -3.06 -11.45 30.55
CA LEU C 125 -1.74 -10.85 30.41
C LEU C 125 -0.67 -11.62 31.16
N THR C 126 -1.06 -12.49 32.09
CA THR C 126 -0.08 -13.15 32.93
C THR C 126 0.90 -13.93 32.06
N GLY C 127 2.19 -13.63 32.21
CA GLY C 127 3.25 -14.37 31.57
C GLY C 127 3.48 -14.10 30.10
N LYS C 128 2.85 -13.07 29.55
CA LYS C 128 2.99 -12.70 28.15
C LYS C 128 3.90 -11.50 27.99
N ASN C 129 4.32 -11.24 26.75
CA ASN C 129 4.95 -9.99 26.35
C ASN C 129 3.86 -9.03 25.93
N VAL C 130 3.52 -8.09 26.80
CA VAL C 130 2.39 -7.19 26.63
C VAL C 130 2.87 -5.90 26.00
N LEU C 131 2.20 -5.47 24.93
CA LEU C 131 2.50 -4.20 24.26
C LEU C 131 1.27 -3.31 24.31
N ILE C 132 1.39 -2.18 24.99
CA ILE C 132 0.33 -1.19 25.00
C ILE C 132 0.56 -0.22 23.86
N VAL C 133 -0.48 0.05 23.09
CA VAL C 133 -0.39 0.94 21.93
C VAL C 133 -1.26 2.14 22.21
N GLU C 134 -0.66 3.33 22.10
CA GLU C 134 -1.31 4.58 22.40
C GLU C 134 -1.16 5.51 21.20
N ASP C 135 -2.13 6.41 21.04
CA ASP C 135 -1.97 7.45 20.03
C ASP C 135 -1.02 8.53 20.50
N ILE C 136 -1.17 8.98 21.74
CA ILE C 136 -0.38 10.12 22.21
C ILE C 136 -0.16 10.02 23.72
N ILE C 137 1.07 10.31 24.14
CA ILE C 137 1.40 10.50 25.55
C ILE C 137 1.50 11.98 25.81
N ASP C 138 0.80 12.47 26.84
CA ASP C 138 0.85 13.88 27.17
C ASP C 138 1.50 14.14 28.53
N THR C 139 0.74 14.06 29.62
CA THR C 139 1.38 14.14 30.93
C THR C 139 2.09 12.85 31.29
N GLY C 140 1.64 11.72 30.74
CA GLY C 140 2.16 10.43 31.13
C GLY C 140 1.37 9.76 32.23
N LYS C 141 0.39 10.46 32.81
CA LYS C 141 -0.30 9.97 34.01
C LYS C 141 -1.11 8.73 33.69
N THR C 142 -1.81 8.73 32.56
CA THR C 142 -2.59 7.56 32.16
C THR C 142 -1.73 6.31 31.96
N MET C 143 -0.61 6.39 31.22
CA MET C 143 0.20 5.18 31.05
CA MET C 143 0.21 5.19 31.05
C MET C 143 0.82 4.75 32.37
N GLN C 144 1.23 5.70 33.21
CA GLN C 144 1.84 5.36 34.49
CA GLN C 144 1.85 5.32 34.48
C GLN C 144 0.88 4.55 35.36
N THR C 145 -0.39 4.95 35.38
CA THR C 145 -1.37 4.23 36.20
C THR C 145 -1.77 2.91 35.56
N LEU C 146 -1.92 2.87 34.23
CA LEU C 146 -2.17 1.60 33.54
C LEU C 146 -1.01 0.62 33.73
N LEU C 147 0.23 1.10 33.58
CA LEU C 147 1.39 0.27 33.90
C LEU C 147 1.31 -0.27 35.33
N SER C 148 1.05 0.61 36.31
CA SER C 148 0.92 0.19 37.71
CA SER C 148 0.94 0.16 37.70
C SER C 148 -0.16 -0.87 37.88
N LEU C 149 -1.22 -0.81 37.07
CA LEU C 149 -2.24 -1.86 37.16
C LEU C 149 -1.78 -3.13 36.46
N VAL C 150 -1.21 -3.02 35.26
CA VAL C 150 -0.85 -4.22 34.50
C VAL C 150 0.24 -5.05 35.21
N ARG C 151 1.24 -4.40 35.82
CA ARG C 151 2.32 -5.18 36.43
C ARG C 151 1.80 -6.14 37.49
N GLN C 152 0.63 -5.83 38.08
CA GLN C 152 0.02 -6.68 39.08
C GLN C 152 -0.61 -7.95 38.51
N TYR C 153 -0.64 -8.12 37.19
CA TYR C 153 -1.05 -9.39 36.58
C TYR C 153 0.15 -10.19 36.11
N ASN C 154 1.35 -9.73 36.42
CA ASN C 154 2.59 -10.46 36.23
C ASN C 154 2.83 -10.79 34.76
N PRO C 155 2.92 -9.78 33.89
CA PRO C 155 3.40 -10.04 32.53
C PRO C 155 4.87 -10.42 32.54
N LYS C 156 5.28 -11.21 31.54
CA LYS C 156 6.71 -11.41 31.32
C LYS C 156 7.41 -10.07 31.20
N MET C 157 6.84 -9.18 30.40
CA MET C 157 7.30 -7.81 30.26
C MET C 157 6.09 -7.00 29.83
N VAL C 158 6.19 -5.69 30.00
CA VAL C 158 5.16 -4.79 29.50
C VAL C 158 5.87 -3.54 28.98
N LYS C 159 5.50 -3.14 27.76
CA LYS C 159 6.11 -2.02 27.08
C LYS C 159 4.99 -1.19 26.42
N VAL C 160 5.32 0.04 26.07
CA VAL C 160 4.36 0.99 25.53
C VAL C 160 4.90 1.54 24.23
N ALA C 161 4.09 1.50 23.18
CA ALA C 161 4.40 2.20 21.94
C ALA C 161 3.39 3.33 21.78
N SER C 162 3.88 4.55 21.56
CA SER C 162 3.02 5.71 21.35
C SER C 162 3.47 6.41 20.08
N LEU C 163 2.52 6.66 19.18
CA LEU C 163 2.84 7.42 17.97
C LEU C 163 3.47 8.76 18.34
N LEU C 164 2.83 9.49 19.25
CA LEU C 164 3.18 10.87 19.58
C LEU C 164 3.47 10.99 21.08
N VAL C 165 4.46 11.81 21.39
CA VAL C 165 4.82 12.23 22.75
C VAL C 165 4.92 13.75 22.73
N LYS C 166 4.19 14.40 23.63
CA LYS C 166 4.24 15.85 23.69
C LYS C 166 5.34 16.32 24.63
N ARG C 167 6.10 17.31 24.18
CA ARG C 167 7.00 18.07 25.03
C ARG C 167 6.18 19.07 25.82
N THR C 168 6.06 18.86 27.14
CA THR C 168 5.26 19.71 28.00
C THR C 168 5.90 19.76 29.38
N PRO C 169 5.99 20.95 30.00
CA PRO C 169 6.47 21.01 31.40
C PRO C 169 5.58 20.26 32.37
N ARG C 170 4.34 19.96 31.97
CA ARG C 170 3.39 19.23 32.80
C ARG C 170 3.68 17.73 32.84
N SER C 171 4.71 17.26 32.14
CA SER C 171 5.00 15.84 32.09
C SER C 171 5.43 15.33 33.46
N VAL C 172 4.88 14.19 33.86
CA VAL C 172 5.31 13.52 35.08
C VAL C 172 6.56 12.70 34.80
N GLY C 173 7.19 12.93 33.65
CA GLY C 173 8.47 12.29 33.37
C GLY C 173 8.42 10.89 32.80
N TYR C 174 7.23 10.35 32.48
CA TYR C 174 7.15 9.00 31.92
C TYR C 174 7.54 8.99 30.45
N LYS C 175 8.44 8.07 30.08
CA LYS C 175 8.82 7.87 28.68
C LYS C 175 8.45 6.46 28.23
N PRO C 176 7.77 6.32 27.10
CA PRO C 176 7.41 4.99 26.59
C PRO C 176 8.60 4.34 25.91
N ASP C 177 8.49 3.03 25.71
CA ASP C 177 9.59 2.27 25.12
C ASP C 177 9.77 2.52 23.64
N PHE C 178 8.69 2.82 22.91
CA PHE C 178 8.75 3.07 21.48
C PHE C 178 7.95 4.33 21.21
N VAL C 179 8.54 5.28 20.49
CA VAL C 179 7.90 6.56 20.21
C VAL C 179 8.14 6.93 18.77
N GLY C 180 7.06 7.24 18.03
CA GLY C 180 7.21 7.72 16.68
C GLY C 180 7.78 9.12 16.61
N PHE C 181 7.06 10.09 17.15
CA PHE C 181 7.37 11.49 16.94
C PHE C 181 7.25 12.22 18.27
N GLU C 182 8.22 13.11 18.54
CA GLU C 182 8.14 14.02 19.67
C GLU C 182 7.73 15.39 19.16
N ILE C 183 6.64 15.93 19.70
CA ILE C 183 5.97 17.07 19.06
C ILE C 183 5.84 18.20 20.07
N PRO C 184 5.68 19.43 19.56
CA PRO C 184 5.43 20.56 20.46
C PRO C 184 4.12 20.42 21.21
N ASP C 185 3.91 21.36 22.13
CA ASP C 185 2.66 21.47 22.86
C ASP C 185 1.65 22.23 22.01
N LYS C 186 1.12 21.54 21.00
CA LYS C 186 0.04 22.05 20.17
C LYS C 186 -1.02 20.97 20.04
N PHE C 187 -2.26 21.39 19.82
CA PHE C 187 -3.34 20.44 19.71
C PHE C 187 -3.39 19.91 18.28
N VAL C 188 -3.27 18.59 18.13
CA VAL C 188 -3.22 18.01 16.79
C VAL C 188 -4.39 17.05 16.65
N VAL C 189 -4.80 16.84 15.41
CA VAL C 189 -5.87 15.90 15.09
C VAL C 189 -5.46 15.13 13.86
N GLY C 190 -6.25 14.11 13.54
CA GLY C 190 -5.97 13.29 12.38
C GLY C 190 -5.33 11.96 12.75
N TYR C 191 -5.47 11.00 11.86
CA TYR C 191 -4.95 9.66 12.11
C TYR C 191 -5.57 9.11 13.39
N ALA C 192 -6.88 9.33 13.55
CA ALA C 192 -7.71 8.82 14.64
C ALA C 192 -7.64 9.71 15.91
N LEU C 193 -6.78 10.73 15.95
CA LEU C 193 -6.81 11.72 17.02
C LEU C 193 -7.93 12.73 16.75
N ASP C 194 -8.82 12.91 17.72
CA ASP C 194 -10.06 13.63 17.52
C ASP C 194 -10.08 14.96 18.25
N TYR C 195 -10.99 15.80 17.79
CA TYR C 195 -11.49 16.96 18.52
C TYR C 195 -12.99 16.74 18.62
N ASN C 196 -13.47 16.40 19.81
CA ASN C 196 -14.88 16.06 20.06
CA ASN C 196 -14.86 16.06 20.05
C ASN C 196 -15.39 15.09 19.00
N GLU C 197 -14.65 13.99 18.80
CA GLU C 197 -15.06 12.86 17.97
C GLU C 197 -14.85 13.13 16.48
N TYR C 198 -14.58 14.36 16.07
CA TYR C 198 -14.34 14.70 14.68
C TYR C 198 -12.85 14.60 14.35
N PHE C 199 -12.55 14.44 13.05
CA PHE C 199 -11.20 14.39 12.46
C PHE C 199 -10.53 13.04 12.58
N ARG C 200 -11.19 12.04 13.15
CA ARG C 200 -10.63 10.69 13.15
C ARG C 200 -10.54 10.16 11.72
N ASP C 201 -11.48 10.55 10.87
CA ASP C 201 -11.56 10.19 9.46
C ASP C 201 -10.64 11.03 8.58
N LEU C 202 -9.40 11.23 9.02
CA LEU C 202 -8.44 12.04 8.32
C LEU C 202 -7.11 11.30 8.43
N ASN C 203 -6.40 11.14 7.33
CA ASN C 203 -5.22 10.28 7.42
C ASN C 203 -3.97 11.02 7.87
N HIS C 204 -3.87 12.32 7.61
CA HIS C 204 -2.72 13.06 8.10
C HIS C 204 -2.95 13.52 9.54
N VAL C 205 -1.85 13.76 10.24
CA VAL C 205 -1.89 14.51 11.49
C VAL C 205 -1.80 15.99 11.15
N ALA C 206 -2.70 16.79 11.72
CA ALA C 206 -2.81 18.18 11.32
C ALA C 206 -3.20 19.01 12.53
N VAL C 207 -3.02 20.33 12.39
CA VAL C 207 -3.32 21.30 13.44
C VAL C 207 -4.66 21.95 13.13
N ILE C 208 -5.50 22.05 14.13
CA ILE C 208 -6.88 22.45 13.91
C ILE C 208 -6.96 23.94 13.66
N SER C 209 -7.78 24.35 12.70
CA SER C 209 -7.90 25.76 12.37
CA SER C 209 -7.93 25.75 12.35
C SER C 209 -8.78 26.47 13.39
N GLU C 210 -8.88 27.79 13.25
CA GLU C 210 -9.68 28.55 14.21
C GLU C 210 -11.17 28.42 13.90
N THR C 211 -11.55 28.66 12.64
CA THR C 211 -12.94 28.40 12.26
C THR C 211 -13.35 26.98 12.67
N GLY C 212 -12.41 26.03 12.58
CA GLY C 212 -12.77 24.64 12.83
C GLY C 212 -12.88 24.32 14.32
N LYS C 213 -12.07 24.99 15.14
CA LYS C 213 -12.19 24.84 16.59
C LYS C 213 -13.55 25.34 17.07
N ALA C 214 -13.96 26.52 16.61
CA ALA C 214 -15.29 27.00 16.96
C ALA C 214 -16.38 26.13 16.33
N LYS C 215 -16.23 25.77 15.06
CA LYS C 215 -17.32 25.06 14.38
C LYS C 215 -17.66 23.73 15.06
N TYR C 216 -16.67 23.09 15.68
CA TYR C 216 -16.88 21.78 16.30
C TYR C 216 -16.87 21.83 17.82
N LYS C 217 -16.75 23.02 18.42
CA LYS C 217 -16.76 23.15 19.87
C LYS C 217 -17.94 22.40 20.47
N ALA C 218 -17.69 21.68 21.54
CA ALA C 218 -18.67 20.78 22.12
C ALA C 218 -19.92 21.54 22.52
N PRO D 6 4.11 25.66 -6.89
CA PRO D 6 5.57 25.61 -6.67
C PRO D 6 6.04 24.30 -6.03
N GLY D 7 5.11 23.50 -5.51
CA GLY D 7 5.45 22.23 -4.92
C GLY D 7 5.94 22.36 -3.48
N VAL D 8 6.21 21.22 -2.86
CA VAL D 8 6.74 21.24 -1.51
C VAL D 8 8.12 21.88 -1.56
N VAL D 9 8.31 22.97 -0.83
CA VAL D 9 9.60 23.63 -0.81
C VAL D 9 10.43 23.10 0.34
N ILE D 10 11.65 22.70 0.03
CA ILE D 10 12.62 22.24 1.01
C ILE D 10 13.75 23.27 1.03
N SER D 11 14.07 23.79 2.21
CA SER D 11 15.00 24.91 2.31
C SER D 11 16.44 24.42 2.37
N ASP D 12 17.38 25.37 2.30
CA ASP D 12 18.80 25.02 2.24
C ASP D 12 19.27 24.43 3.56
N ASP D 13 18.85 25.00 4.67
CA ASP D 13 19.31 24.55 5.98
C ASP D 13 18.45 23.44 6.55
N GLU D 14 17.52 22.89 5.76
CA GLU D 14 16.72 21.77 6.20
C GLU D 14 17.62 20.64 6.70
N PRO D 15 17.39 20.09 7.90
CA PRO D 15 18.28 19.04 8.41
C PRO D 15 18.10 17.71 7.70
N GLY D 16 16.86 17.29 7.45
CA GLY D 16 16.59 15.92 7.07
C GLY D 16 16.30 15.10 8.30
N TYR D 17 16.29 13.79 8.11
CA TYR D 17 16.00 12.87 9.21
C TYR D 17 17.18 11.92 9.43
N ASP D 18 17.41 11.58 10.69
CA ASP D 18 18.43 10.60 11.05
C ASP D 18 18.11 9.23 10.46
N LEU D 19 19.12 8.60 9.84
CA LEU D 19 18.93 7.29 9.22
C LEU D 19 18.33 6.28 10.18
N ASP D 20 18.71 6.36 11.46
CA ASP D 20 18.30 5.32 12.40
C ASP D 20 16.85 5.43 12.83
N LEU D 21 16.16 6.51 12.45
CA LEU D 21 14.73 6.59 12.70
C LEU D 21 13.89 5.90 11.62
N PHE D 22 14.52 5.32 10.60
CA PHE D 22 13.82 4.76 9.45
C PHE D 22 14.39 3.41 9.11
N ALA D 23 13.65 2.66 8.30
CA ALA D 23 14.17 1.40 7.77
C ALA D 23 15.02 1.70 6.53
N ILE D 24 16.26 1.27 6.55
CA ILE D 24 17.24 1.57 5.51
C ILE D 24 17.92 0.27 5.10
N PRO D 25 18.12 -0.01 3.82
CA PRO D 25 18.78 -1.26 3.44
C PRO D 25 20.17 -1.31 4.07
N ASN D 26 20.48 -2.44 4.71
CA ASN D 26 21.75 -2.56 5.43
C ASN D 26 22.93 -2.21 4.51
N HIS D 27 22.91 -2.66 3.25
CA HIS D 27 24.07 -2.43 2.40
C HIS D 27 24.33 -0.96 2.09
N TYR D 28 23.43 -0.04 2.45
CA TYR D 28 23.68 1.38 2.27
C TYR D 28 23.83 2.15 3.58
N ALA D 29 23.88 1.44 4.71
CA ALA D 29 23.81 2.09 6.03
C ALA D 29 24.91 3.14 6.21
N GLU D 30 26.14 2.83 5.82
CA GLU D 30 27.25 3.75 6.04
C GLU D 30 27.43 4.75 4.89
N ASP D 31 26.67 4.59 3.80
CA ASP D 31 26.85 5.35 2.56
C ASP D 31 25.95 6.58 2.43
N LEU D 32 25.02 6.79 3.36
CA LEU D 32 24.11 7.93 3.33
C LEU D 32 24.34 8.82 4.54
N GLU D 33 24.14 10.10 4.35
CA GLU D 33 24.25 11.06 5.43
C GLU D 33 22.91 11.28 6.13
N ARG D 34 21.85 11.58 5.37
CA ARG D 34 20.53 11.81 5.94
C ARG D 34 19.44 11.36 4.98
N VAL D 35 18.32 10.92 5.53
CA VAL D 35 17.12 10.83 4.73
C VAL D 35 16.67 12.25 4.44
N PHE D 36 16.43 12.54 3.17
CA PHE D 36 16.08 13.86 2.71
C PHE D 36 14.59 14.03 2.54
N ILE D 37 13.95 13.08 1.87
CA ILE D 37 12.51 13.02 1.65
C ILE D 37 12.09 11.57 1.89
N PRO D 38 11.42 11.28 2.99
CA PRO D 38 10.94 9.91 3.21
C PRO D 38 10.01 9.44 2.09
N HIS D 39 10.12 8.14 1.76
CA HIS D 39 9.26 7.51 0.76
C HIS D 39 7.80 7.90 0.92
N GLY D 40 7.28 7.77 2.16
CA GLY D 40 5.86 8.01 2.38
C GLY D 40 5.45 9.44 2.09
N LEU D 41 6.35 10.39 2.31
CA LEU D 41 6.05 11.76 1.92
C LEU D 41 6.03 11.90 0.39
N ILE D 42 6.92 11.18 -0.30
CA ILE D 42 6.87 11.17 -1.76
C ILE D 42 5.50 10.70 -2.24
N MET D 43 4.99 9.59 -1.68
CA MET D 43 3.67 9.08 -2.04
C MET D 43 2.56 10.11 -1.79
N ASP D 44 2.59 10.77 -0.61
CA ASP D 44 1.50 11.69 -0.27
C ASP D 44 1.41 12.83 -1.29
N ARG D 45 2.56 13.41 -1.62
CA ARG D 45 2.62 14.44 -2.66
C ARG D 45 2.18 13.88 -4.02
N THR D 46 2.58 12.66 -4.36
CA THR D 46 2.22 12.13 -5.67
C THR D 46 0.72 11.89 -5.81
N GLU D 47 0.05 11.44 -4.73
CA GLU D 47 -1.40 11.33 -4.76
C GLU D 47 -2.04 12.65 -5.19
N ARG D 48 -1.61 13.74 -4.58
CA ARG D 48 -2.12 15.06 -4.93
C ARG D 48 -1.80 15.43 -6.37
N LEU D 49 -0.57 15.13 -6.82
CA LEU D 49 -0.20 15.46 -8.19
C LEU D 49 -1.04 14.70 -9.20
N ALA D 50 -1.44 13.47 -8.86
CA ALA D 50 -2.21 12.70 -9.80
C ALA D 50 -3.54 13.38 -10.04
N ARG D 51 -4.11 13.98 -8.99
CA ARG D 51 -5.36 14.70 -9.12
C ARG D 51 -5.20 15.95 -9.98
N ASP D 52 -4.12 16.70 -9.81
CA ASP D 52 -3.88 17.81 -10.73
C ASP D 52 -3.77 17.33 -12.17
N VAL D 53 -3.01 16.26 -12.41
CA VAL D 53 -2.85 15.76 -13.77
C VAL D 53 -4.21 15.47 -14.40
N MET D 54 -5.07 14.75 -13.67
CA MET D 54 -6.34 14.35 -14.27
C MET D 54 -7.21 15.57 -14.58
N LYS D 55 -7.17 16.57 -13.70
CA LYS D 55 -7.94 17.80 -13.90
C LYS D 55 -7.49 18.54 -15.15
N GLU D 56 -6.20 18.57 -15.44
CA GLU D 56 -5.74 19.35 -16.57
C GLU D 56 -5.68 18.57 -17.88
N MET D 57 -5.46 17.25 -17.81
CA MET D 57 -5.29 16.48 -19.03
C MET D 57 -6.26 15.31 -19.15
N GLY D 58 -7.15 15.15 -18.17
CA GLY D 58 -8.05 14.04 -18.16
C GLY D 58 -9.14 14.08 -19.21
N GLY D 59 -9.21 15.14 -20.03
CA GLY D 59 -10.27 15.29 -21.01
C GLY D 59 -10.02 14.64 -22.36
N HIS D 60 -8.82 14.13 -22.60
CA HIS D 60 -8.51 13.54 -23.89
C HIS D 60 -7.43 12.49 -23.65
N HIS D 61 -7.39 11.48 -24.52
CA HIS D 61 -6.40 10.40 -24.46
C HIS D 61 -5.03 10.89 -23.98
N ILE D 62 -4.52 10.24 -22.96
CA ILE D 62 -3.21 10.61 -22.40
C ILE D 62 -2.19 9.59 -22.87
N VAL D 63 -1.05 10.09 -23.34
CA VAL D 63 0.15 9.29 -23.57
C VAL D 63 1.17 9.72 -22.51
N ALA D 64 1.47 8.83 -21.57
CA ALA D 64 2.45 9.10 -20.53
C ALA D 64 3.80 8.54 -20.96
N LEU D 65 4.80 9.43 -21.04
CA LEU D 65 6.16 9.09 -21.46
C LEU D 65 7.09 9.06 -20.25
N CYS D 66 7.64 7.89 -19.95
CA CYS D 66 8.55 7.75 -18.83
C CYS D 66 9.97 7.96 -19.30
N VAL D 67 10.68 8.88 -18.65
CA VAL D 67 12.07 9.17 -18.98
C VAL D 67 12.93 8.28 -18.10
N LEU D 68 13.29 7.11 -18.63
CA LEU D 68 14.20 6.21 -17.93
C LEU D 68 15.58 6.86 -17.75
N LYS D 69 16.37 6.30 -16.83
CA LYS D 69 15.97 5.28 -15.88
C LYS D 69 15.41 5.91 -14.61
N GLY D 70 15.86 7.13 -14.32
CA GLY D 70 15.49 7.77 -13.07
C GLY D 70 14.01 7.94 -12.87
N GLY D 71 13.22 7.93 -13.95
CA GLY D 71 11.81 8.24 -13.82
C GLY D 71 10.94 7.07 -13.46
N TYR D 72 11.44 5.84 -13.61
CA TYR D 72 10.56 4.69 -13.57
C TYR D 72 9.78 4.60 -12.26
N LYS D 73 10.37 5.02 -11.13
CA LYS D 73 9.70 4.87 -9.83
C LYS D 73 8.58 5.89 -9.65
N PHE D 74 8.89 7.16 -9.88
CA PHE D 74 7.88 8.21 -9.89
C PHE D 74 6.77 7.87 -10.86
N PHE D 75 7.17 7.48 -12.08
CA PHE D 75 6.22 7.12 -13.13
C PHE D 75 5.27 6.04 -12.64
N ALA D 76 5.81 4.93 -12.14
CA ALA D 76 4.93 3.84 -11.72
C ALA D 76 3.96 4.30 -10.65
N ASP D 77 4.46 5.03 -9.64
CA ASP D 77 3.59 5.47 -8.54
C ASP D 77 2.60 6.55 -8.99
N LEU D 78 3.06 7.50 -9.80
CA LEU D 78 2.12 8.50 -10.30
C LEU D 78 0.98 7.84 -11.05
N LEU D 79 1.32 6.90 -11.93
CA LEU D 79 0.28 6.23 -12.72
C LEU D 79 -0.62 5.37 -11.85
N ASP D 80 -0.09 4.82 -10.76
CA ASP D 80 -0.96 4.03 -9.91
C ASP D 80 -1.98 4.91 -9.18
N TYR D 81 -1.62 6.13 -8.79
CA TYR D 81 -2.63 7.01 -8.20
C TYR D 81 -3.59 7.52 -9.26
N ILE D 82 -3.13 7.68 -10.50
CA ILE D 82 -4.04 8.02 -11.57
C ILE D 82 -5.01 6.88 -11.85
N LYS D 83 -4.54 5.64 -11.85
CA LYS D 83 -5.48 4.53 -12.02
C LYS D 83 -6.48 4.49 -10.88
N ALA D 84 -6.05 4.83 -9.66
CA ALA D 84 -6.93 4.74 -8.51
C ALA D 84 -8.08 5.74 -8.65
N LEU D 85 -7.80 6.92 -9.17
CA LEU D 85 -8.87 7.87 -9.45
C LEU D 85 -9.82 7.32 -10.50
N ASN D 86 -9.27 6.67 -11.53
CA ASN D 86 -10.05 6.36 -12.71
C ASN D 86 -10.94 5.15 -12.52
N ARG D 87 -10.66 4.29 -11.55
CA ARG D 87 -11.63 3.25 -11.25
C ARG D 87 -12.58 3.65 -10.12
N ASN D 88 -12.60 4.94 -9.74
CA ASN D 88 -13.49 5.40 -8.67
C ASN D 88 -14.17 6.70 -9.04
N SER D 89 -14.17 7.05 -10.33
CA SER D 89 -14.85 8.22 -10.87
C SER D 89 -15.92 7.75 -11.84
N ASP D 90 -16.72 8.71 -12.31
CA ASP D 90 -17.79 8.42 -13.27
C ASP D 90 -17.40 8.85 -14.69
N ARG D 91 -16.23 9.44 -14.87
CA ARG D 91 -15.76 9.86 -16.19
C ARG D 91 -14.24 9.78 -16.17
N SER D 92 -13.67 8.81 -16.88
CA SER D 92 -12.21 8.68 -16.99
C SER D 92 -11.83 8.64 -18.47
N ILE D 93 -10.53 8.59 -18.72
CA ILE D 93 -10.00 8.54 -20.09
C ILE D 93 -8.92 7.46 -20.19
N PRO D 94 -8.84 6.73 -21.29
CA PRO D 94 -7.74 5.79 -21.46
C PRO D 94 -6.39 6.50 -21.57
N MET D 95 -5.37 5.83 -21.06
CA MET D 95 -4.00 6.33 -21.16
C MET D 95 -3.12 5.22 -21.71
N THR D 96 -2.23 5.58 -22.62
CA THR D 96 -1.18 4.68 -23.09
C THR D 96 0.17 5.12 -22.54
N VAL D 97 1.16 4.22 -22.56
CA VAL D 97 2.43 4.50 -21.91
C VAL D 97 3.57 4.29 -22.89
N ASP D 98 4.67 4.97 -22.60
CA ASP D 98 5.88 4.83 -23.38
C ASP D 98 7.08 5.06 -22.47
N PHE D 99 8.24 4.62 -22.92
CA PHE D 99 9.47 4.71 -22.15
C PHE D 99 10.61 5.19 -23.04
N ILE D 100 11.38 6.17 -22.57
CA ILE D 100 12.46 6.70 -23.38
C ILE D 100 13.70 6.94 -22.54
N ARG D 101 14.83 6.96 -23.22
CA ARG D 101 16.10 7.42 -22.65
C ARG D 101 16.65 8.51 -23.54
N LEU D 102 17.21 9.53 -22.91
CA LEU D 102 17.77 10.68 -23.61
C LEU D 102 19.28 10.53 -23.69
N LYS D 103 19.81 10.54 -24.91
CA LYS D 103 21.24 10.50 -25.17
C LYS D 103 21.63 11.73 -26.00
N SER D 104 22.83 12.26 -25.73
CA SER D 104 23.33 13.40 -26.48
C SER D 104 23.62 13.01 -27.94
N TYR D 105 23.88 14.03 -28.76
CA TYR D 105 24.19 13.84 -30.18
C TYR D 105 23.00 13.26 -30.95
N ASP D 113 19.85 17.50 -31.30
CA ASP D 113 20.59 17.69 -30.05
C ASP D 113 20.37 16.54 -29.06
N ILE D 114 19.10 16.17 -28.84
CA ILE D 114 18.75 15.10 -27.92
C ILE D 114 18.19 13.92 -28.75
N LYS D 115 18.79 12.74 -28.57
CA LYS D 115 18.33 11.53 -29.22
C LYS D 115 17.39 10.78 -28.30
N VAL D 116 16.20 10.45 -28.81
CA VAL D 116 15.20 9.71 -28.06
C VAL D 116 15.35 8.24 -28.45
N ILE D 117 15.78 7.40 -27.51
CA ILE D 117 16.12 6.00 -27.76
C ILE D 117 15.00 5.14 -27.21
N GLY D 118 14.70 4.06 -27.91
CA GLY D 118 13.53 3.29 -27.53
C GLY D 118 12.29 4.13 -27.80
N GLY D 119 11.20 3.72 -27.18
CA GLY D 119 9.98 4.49 -27.36
C GLY D 119 9.40 4.36 -28.76
N ASP D 120 8.12 4.71 -28.89
CA ASP D 120 7.41 4.52 -30.13
C ASP D 120 7.70 5.66 -31.10
N ASP D 121 7.30 5.44 -32.35
CA ASP D 121 7.24 6.51 -33.33
C ASP D 121 6.58 7.74 -32.73
N LEU D 122 7.28 8.87 -32.79
CA LEU D 122 6.72 10.10 -32.23
C LEU D 122 5.40 10.50 -32.89
N SER D 123 5.11 9.99 -34.09
CA SER D 123 3.82 10.24 -34.71
C SER D 123 2.66 9.77 -33.82
N THR D 124 2.90 8.79 -32.96
CA THR D 124 1.85 8.35 -32.03
C THR D 124 1.44 9.44 -31.05
N LEU D 125 2.22 10.50 -30.92
CA LEU D 125 1.88 11.58 -30.01
C LEU D 125 0.94 12.61 -30.62
N THR D 126 0.79 12.61 -31.95
CA THR D 126 -0.01 13.64 -32.59
C THR D 126 -1.44 13.58 -32.12
N GLY D 127 -1.97 14.73 -31.70
CA GLY D 127 -3.34 14.81 -31.23
C GLY D 127 -3.58 14.28 -29.83
N LYS D 128 -2.54 13.84 -29.13
CA LYS D 128 -2.70 13.30 -27.79
C LYS D 128 -2.36 14.33 -26.71
N ASN D 129 -2.83 14.03 -25.50
CA ASN D 129 -2.44 14.76 -24.30
C ASN D 129 -1.21 14.05 -23.76
N VAL D 130 -0.03 14.65 -23.94
CA VAL D 130 1.24 13.97 -23.67
C VAL D 130 1.77 14.43 -22.31
N LEU D 131 2.02 13.47 -21.44
CA LEU D 131 2.58 13.75 -20.13
C LEU D 131 3.98 13.17 -20.10
N ILE D 132 4.98 14.03 -19.93
CA ILE D 132 6.36 13.58 -19.78
C ILE D 132 6.70 13.55 -18.30
N VAL D 133 7.07 12.37 -17.81
CA VAL D 133 7.32 12.16 -16.39
C VAL D 133 8.83 12.08 -16.14
N GLU D 134 9.35 12.98 -15.34
CA GLU D 134 10.78 13.10 -15.14
C GLU D 134 11.11 13.02 -13.65
N ASP D 135 12.33 12.54 -13.36
CA ASP D 135 12.71 12.45 -11.96
C ASP D 135 13.17 13.80 -11.42
N ILE D 136 14.04 14.50 -12.14
CA ILE D 136 14.59 15.74 -11.61
C ILE D 136 14.83 16.71 -12.74
N ILE D 137 14.49 17.98 -12.50
CA ILE D 137 14.85 19.09 -13.37
C ILE D 137 16.03 19.83 -12.72
N ASP D 138 17.19 19.80 -13.37
CA ASP D 138 18.37 20.49 -12.88
C ASP D 138 18.49 21.88 -13.52
N THR D 139 19.29 21.98 -14.59
CA THR D 139 19.35 23.19 -15.40
C THR D 139 18.08 23.43 -16.21
N GLY D 140 17.27 22.41 -16.49
CA GLY D 140 16.12 22.55 -17.37
C GLY D 140 16.41 22.41 -18.86
N LYS D 141 17.67 22.17 -19.25
CA LYS D 141 18.07 22.14 -20.65
C LYS D 141 17.52 20.90 -21.36
N THR D 142 17.71 19.72 -20.76
CA THR D 142 17.15 18.50 -21.32
C THR D 142 15.67 18.64 -21.64
N MET D 143 14.87 19.06 -20.65
CA MET D 143 13.42 19.12 -20.85
CA MET D 143 13.42 19.13 -20.84
C MET D 143 13.06 20.12 -21.94
N GLN D 144 13.65 21.32 -21.91
CA GLN D 144 13.42 22.33 -22.95
CA GLN D 144 13.34 22.30 -22.95
C GLN D 144 13.61 21.74 -24.34
N THR D 145 14.64 20.91 -24.48
CA THR D 145 14.97 20.34 -25.79
C THR D 145 13.99 19.23 -26.19
N LEU D 146 13.66 18.34 -25.24
CA LEU D 146 12.67 17.32 -25.56
C LEU D 146 11.32 17.96 -25.90
N LEU D 147 10.93 19.00 -25.15
CA LEU D 147 9.67 19.67 -25.44
C LEU D 147 9.64 20.19 -26.88
N SER D 148 10.73 20.83 -27.31
CA SER D 148 10.77 21.32 -28.68
CA SER D 148 10.79 21.33 -28.69
C SER D 148 10.69 20.19 -29.69
N LEU D 149 11.22 19.02 -29.35
CA LEU D 149 11.11 17.87 -30.24
CA LEU D 149 11.09 17.89 -30.26
C LEU D 149 9.67 17.35 -30.27
N VAL D 150 8.99 17.36 -29.13
CA VAL D 150 7.63 16.81 -29.07
C VAL D 150 6.64 17.76 -29.72
N ARG D 151 6.80 19.07 -29.50
CA ARG D 151 5.86 20.03 -30.09
C ARG D 151 5.84 19.95 -31.61
N GLN D 152 6.90 19.42 -32.21
CA GLN D 152 6.98 19.21 -33.66
C GLN D 152 5.95 18.23 -34.19
N TYR D 153 5.46 17.31 -33.36
CA TYR D 153 4.48 16.33 -33.82
C TYR D 153 3.06 16.71 -33.42
N ASN D 154 2.86 17.93 -32.98
CA ASN D 154 1.53 18.50 -32.83
C ASN D 154 0.67 17.71 -31.85
N PRO D 155 1.10 17.56 -30.59
CA PRO D 155 0.22 16.97 -29.58
C PRO D 155 -0.88 17.96 -29.23
N LYS D 156 -2.04 17.43 -28.78
CA LYS D 156 -3.08 18.34 -28.31
C LYS D 156 -2.56 19.25 -27.19
N MET D 157 -1.64 18.74 -26.36
CA MET D 157 -0.94 19.47 -25.31
C MET D 157 0.20 18.58 -24.81
N VAL D 158 1.24 19.20 -24.28
CA VAL D 158 2.35 18.45 -23.71
C VAL D 158 2.69 19.09 -22.37
N LYS D 159 2.72 18.28 -21.31
CA LYS D 159 3.00 18.75 -19.97
C LYS D 159 4.07 17.89 -19.33
N VAL D 160 4.78 18.47 -18.37
CA VAL D 160 5.87 17.80 -17.69
C VAL D 160 5.55 17.70 -16.21
N ALA D 161 5.62 16.49 -15.67
CA ALA D 161 5.65 16.27 -14.24
C ALA D 161 7.06 15.88 -13.83
N SER D 162 7.64 16.62 -12.88
CA SER D 162 8.96 16.28 -12.38
C SER D 162 8.86 16.05 -10.89
N LEU D 163 9.42 14.94 -10.41
CA LEU D 163 9.38 14.70 -8.99
C LEU D 163 10.12 15.77 -8.22
N LEU D 164 11.30 16.18 -8.72
CA LEU D 164 12.15 17.17 -8.05
C LEU D 164 12.48 18.28 -9.02
N VAL D 165 12.55 19.51 -8.51
CA VAL D 165 13.11 20.64 -9.25
C VAL D 165 14.21 21.29 -8.38
N LYS D 166 15.41 21.42 -8.94
CA LYS D 166 16.53 21.98 -8.20
C LYS D 166 16.53 23.50 -8.31
N ARG D 167 16.82 24.17 -7.20
CA ARG D 167 17.12 25.61 -7.21
C ARG D 167 18.58 25.80 -7.60
N THR D 168 18.83 26.60 -8.64
CA THR D 168 20.20 26.78 -9.09
C THR D 168 20.37 28.13 -9.75
N PRO D 169 21.56 28.72 -9.66
CA PRO D 169 21.90 29.87 -10.53
C PRO D 169 22.06 29.48 -11.99
N ARG D 170 22.34 28.22 -12.29
CA ARG D 170 22.54 27.81 -13.68
C ARG D 170 21.27 27.24 -14.31
N SER D 171 20.10 27.59 -13.80
CA SER D 171 18.84 27.17 -14.41
C SER D 171 18.49 28.05 -15.60
N VAL D 172 18.13 27.43 -16.72
CA VAL D 172 17.85 28.18 -17.94
C VAL D 172 16.41 28.69 -17.93
N GLY D 173 15.74 28.58 -16.79
CA GLY D 173 14.42 29.17 -16.63
C GLY D 173 13.24 28.31 -17.02
N TYR D 174 13.45 27.04 -17.36
CA TYR D 174 12.32 26.14 -17.61
C TYR D 174 11.65 25.72 -16.30
N LYS D 175 10.32 25.73 -16.28
CA LYS D 175 9.58 25.27 -15.12
C LYS D 175 8.54 24.24 -15.56
N PRO D 176 8.54 23.05 -14.96
CA PRO D 176 7.53 22.05 -15.30
C PRO D 176 6.16 22.44 -14.79
N ASP D 177 5.16 21.73 -15.31
CA ASP D 177 3.76 22.02 -14.98
C ASP D 177 3.34 21.38 -13.66
N PHE D 178 3.95 20.26 -13.30
CA PHE D 178 3.70 19.62 -12.02
C PHE D 178 5.04 19.30 -11.37
N VAL D 179 5.20 19.74 -10.12
CA VAL D 179 6.45 19.59 -9.38
CA VAL D 179 6.45 19.59 -9.39
C VAL D 179 6.14 18.90 -8.07
N GLY D 180 6.92 17.89 -7.73
CA GLY D 180 6.78 17.28 -6.44
C GLY D 180 7.39 18.15 -5.35
N PHE D 181 8.70 18.30 -5.41
CA PHE D 181 9.45 19.01 -4.37
C PHE D 181 10.44 19.95 -5.02
N GLU D 182 10.59 21.14 -4.45
CA GLU D 182 11.64 22.06 -4.85
C GLU D 182 12.75 22.01 -3.81
N ILE D 183 13.96 21.65 -4.25
CA ILE D 183 15.04 21.28 -3.34
C ILE D 183 16.27 22.14 -3.63
N PRO D 184 17.18 22.24 -2.66
CA PRO D 184 18.48 22.86 -2.92
C PRO D 184 19.30 22.06 -3.92
N ASP D 185 20.45 22.63 -4.28
CA ASP D 185 21.41 21.97 -5.17
C ASP D 185 22.30 20.99 -4.41
N LYS D 186 21.65 20.03 -3.76
CA LYS D 186 22.37 18.94 -3.12
C LYS D 186 22.27 17.71 -4.00
N PHE D 187 23.15 16.75 -3.78
CA PHE D 187 23.18 15.55 -4.61
C PHE D 187 22.41 14.44 -3.88
N VAL D 188 21.24 14.12 -4.40
CA VAL D 188 20.31 13.21 -3.75
C VAL D 188 20.23 11.91 -4.54
N VAL D 189 19.98 10.82 -3.82
CA VAL D 189 19.84 9.50 -4.42
C VAL D 189 18.63 8.83 -3.80
N GLY D 190 18.23 7.70 -4.38
CA GLY D 190 17.10 6.98 -3.88
C GLY D 190 15.87 7.22 -4.72
N TYR D 191 14.87 6.38 -4.52
CA TYR D 191 13.63 6.48 -5.30
C TYR D 191 13.95 6.51 -6.80
N ALA D 192 14.89 5.68 -7.23
CA ALA D 192 15.29 5.50 -8.61
C ALA D 192 16.33 6.51 -9.04
N LEU D 193 16.67 7.51 -8.21
CA LEU D 193 17.78 8.40 -8.52
C LEU D 193 19.09 7.73 -8.13
N ASP D 194 20.08 7.80 -9.02
CA ASP D 194 21.28 6.97 -8.92
C ASP D 194 22.55 7.80 -8.69
N TYR D 195 23.56 7.15 -8.13
CA TYR D 195 24.94 7.61 -8.24
C TYR D 195 25.75 6.48 -8.85
N ASN D 196 26.24 6.68 -10.07
CA ASN D 196 26.97 5.64 -10.79
CA ASN D 196 26.97 5.63 -10.79
C ASN D 196 26.21 4.31 -10.81
N GLU D 197 24.90 4.39 -11.02
CA GLU D 197 24.00 3.26 -11.13
C GLU D 197 23.59 2.71 -9.76
N TYR D 198 24.16 3.19 -8.65
CA TYR D 198 23.78 2.71 -7.33
C TYR D 198 22.65 3.57 -6.74
N PHE D 199 22.01 3.03 -5.70
CA PHE D 199 20.95 3.67 -4.90
C PHE D 199 19.61 3.76 -5.60
N ARG D 200 19.44 3.10 -6.74
CA ARG D 200 18.09 3.00 -7.29
C ARG D 200 17.21 2.14 -6.39
N ASP D 201 17.77 1.07 -5.82
CA ASP D 201 17.06 0.19 -4.89
C ASP D 201 17.01 0.77 -3.46
N LEU D 202 16.31 1.89 -3.35
CA LEU D 202 16.13 2.54 -2.05
C LEU D 202 14.88 3.40 -2.18
N ASN D 203 13.92 3.23 -1.26
CA ASN D 203 12.63 3.89 -1.41
C ASN D 203 12.68 5.36 -0.99
N HIS D 204 13.51 5.72 -0.02
CA HIS D 204 13.61 7.12 0.40
C HIS D 204 14.52 7.90 -0.56
N VAL D 205 14.36 9.22 -0.59
CA VAL D 205 15.34 10.07 -1.23
C VAL D 205 16.30 10.52 -0.14
N ALA D 206 17.61 10.45 -0.42
CA ALA D 206 18.63 10.62 0.60
C ALA D 206 19.80 11.40 0.03
N VAL D 207 20.56 12.01 0.90
CA VAL D 207 21.79 12.68 0.50
C VAL D 207 22.94 11.69 0.66
N ILE D 208 23.84 11.68 -0.31
CA ILE D 208 24.91 10.68 -0.33
C ILE D 208 26.04 11.15 0.58
N SER D 209 26.52 10.27 1.46
CA SER D 209 27.65 10.60 2.33
C SER D 209 28.97 10.62 1.55
N GLU D 210 30.03 11.11 2.22
CA GLU D 210 31.33 11.12 1.57
C GLU D 210 31.93 9.72 1.50
N THR D 211 31.70 8.90 2.54
CA THR D 211 32.07 7.50 2.45
C THR D 211 31.42 6.85 1.24
N GLY D 212 30.09 7.04 1.08
CA GLY D 212 29.38 6.41 -0.02
C GLY D 212 29.83 6.91 -1.37
N LYS D 213 30.15 8.20 -1.47
CA LYS D 213 30.55 8.76 -2.76
C LYS D 213 31.87 8.17 -3.21
N ALA D 214 32.81 7.95 -2.27
CA ALA D 214 34.06 7.29 -2.62
C ALA D 214 33.83 5.81 -2.89
N LYS D 215 32.99 5.16 -2.07
CA LYS D 215 32.84 3.73 -2.19
C LYS D 215 32.34 3.32 -3.58
N TYR D 216 31.57 4.18 -4.25
CA TYR D 216 30.93 3.83 -5.52
C TYR D 216 31.38 4.73 -6.66
N LYS D 217 32.22 5.72 -6.38
CA LYS D 217 32.80 6.57 -7.42
C LYS D 217 33.15 5.75 -8.65
N ALA D 218 32.72 6.23 -9.80
CA ALA D 218 32.98 5.52 -11.04
C ALA D 218 34.48 5.33 -11.18
#